data_6G1P
#
_entry.id   6G1P
#
_cell.length_a   64.957
_cell.length_b   99.882
_cell.length_c   107.626
_cell.angle_alpha   90.00
_cell.angle_beta   90.00
_cell.angle_gamma   90.00
#
_symmetry.space_group_name_H-M   'P 21 21 21'
#
loop_
_entity.id
_entity.type
_entity.pdbx_description
1 polymer 'ADP-ribosylhydrolase like 2'
2 non-polymer 'MAGNESIUM ION'
3 non-polymer 'CITRIC ACID'
4 non-polymer 'ACETATE ION'
5 non-polymer GLYCEROL
6 water water
#
_entity_poly.entity_id   1
_entity_poly.type   'polypeptide(L)'
_entity_poly.pdbx_seq_one_letter_code
;GPMVSLAQVRGALCGALLGDCMGAEFEGSDAVELPDVLEFVRLLEKEKKAGTLFYTDDTAMTRAVIQSLIAKPDFDEVDM
AKRFAEEYKKEPTRGYGAGVVQVFKKLLSPKYSDVFQPAREQFDGKGSYGNGGAMRVASIALAYPNIQDVIKFARRSAQL
THASPLGYNGAILQALAVHFALQGELKRDTFLEQLIGEMERIEGGEMSASDAGEHDRPNEVKLPFCSRLKKIKEFLASSN
VPKADIVDELGHGIAALESVPTAIYSFLHCMESDPDIPDLYNNLQRTIIYSISLGGDTDTIATMAGAIAGAYYGMDQVTP
SWKRSCEAIVETEESAVKLYELYCKQLKTP
;
_entity_poly.pdbx_strand_id   A,B
#
loop_
_chem_comp.id
_chem_comp.type
_chem_comp.name
_chem_comp.formula
ACT non-polymer 'ACETATE ION' 'C2 H3 O2 -1'
CIT non-polymer 'CITRIC ACID' 'C6 H8 O7'
GOL non-polymer GLYCEROL 'C3 H8 O3'
MG non-polymer 'MAGNESIUM ION' 'Mg 2'
#
# COMPACT_ATOMS: atom_id res chain seq x y z
N MET A 3 21.75 32.15 3.61
CA MET A 3 20.26 32.35 3.53
C MET A 3 19.66 31.38 2.49
N VAL A 4 18.60 30.72 2.90
CA VAL A 4 17.90 29.76 2.08
C VAL A 4 17.21 30.54 0.96
N SER A 5 17.22 29.98 -0.26
CA SER A 5 16.63 30.62 -1.44
C SER A 5 15.22 30.07 -1.70
N LEU A 6 14.41 30.86 -2.41
CA LEU A 6 13.14 30.37 -2.91
C LEU A 6 13.35 29.14 -3.80
N ALA A 7 14.41 29.08 -4.59
CA ALA A 7 14.72 27.94 -5.42
C ALA A 7 14.84 26.65 -4.57
N GLN A 8 15.36 26.77 -3.36
CA GLN A 8 15.50 25.60 -2.48
C GLN A 8 14.15 25.21 -1.87
N VAL A 9 13.34 26.19 -1.45
CA VAL A 9 12.04 25.88 -0.87
C VAL A 9 11.15 25.25 -1.96
N ARG A 10 11.10 25.87 -3.14
CA ARG A 10 10.35 25.31 -4.23
C ARG A 10 10.91 23.95 -4.65
N GLY A 11 12.23 23.82 -4.71
CA GLY A 11 12.87 22.56 -5.04
C GLY A 11 12.45 21.44 -4.11
N ALA A 12 12.46 21.73 -2.81
CA ALA A 12 12.09 20.70 -1.83
C ALA A 12 10.65 20.24 -2.05
N LEU A 13 9.71 21.18 -2.21
CA LEU A 13 8.29 20.80 -2.35
C LEU A 13 8.06 20.06 -3.67
N CYS A 14 8.72 20.52 -4.74
CA CYS A 14 8.53 19.86 -6.03
C CYS A 14 9.22 18.49 -6.04
N GLY A 15 10.37 18.35 -5.36
CA GLY A 15 10.99 17.07 -5.24
C GLY A 15 10.11 16.09 -4.48
N ALA A 16 9.46 16.57 -3.42
CA ALA A 16 8.49 15.76 -2.67
C ALA A 16 7.33 15.35 -3.58
N LEU A 17 6.79 16.29 -4.34
CA LEU A 17 5.64 15.99 -5.20
C LEU A 17 6.04 14.97 -6.26
N LEU A 18 7.19 15.17 -6.89
CA LEU A 18 7.67 14.26 -7.94
C LEU A 18 7.84 12.87 -7.32
N GLY A 19 8.44 12.79 -6.15
CA GLY A 19 8.66 11.50 -5.54
C GLY A 19 7.37 10.75 -5.27
N ASP A 20 6.35 11.48 -4.77
CA ASP A 20 5.08 10.87 -4.52
C ASP A 20 4.41 10.41 -5.82
N CYS A 21 4.29 11.36 -6.75
CA CYS A 21 3.54 11.09 -7.98
C CYS A 21 4.22 9.99 -8.79
N MET A 22 5.56 10.01 -8.86
CA MET A 22 6.25 9.05 -9.69
C MET A 22 6.41 7.72 -8.96
N GLY A 23 6.55 7.70 -7.63
CA GLY A 23 6.68 6.50 -6.86
C GLY A 23 5.36 5.74 -6.73
N ALA A 24 4.24 6.46 -6.83
CA ALA A 24 2.94 5.86 -6.50
C ALA A 24 2.66 4.62 -7.35
N GLU A 25 2.99 4.65 -8.64
CA GLU A 25 2.53 3.52 -9.46
C GLU A 25 3.29 2.24 -9.10
N PHE A 26 4.44 2.35 -8.46
CA PHE A 26 5.26 1.18 -8.15
C PHE A 26 5.05 0.65 -6.73
N GLU A 27 4.19 1.32 -5.96
CA GLU A 27 4.10 1.05 -4.53
CA GLU A 27 4.03 1.07 -4.52
C GLU A 27 3.73 -0.40 -4.27
N GLY A 28 4.47 -1.01 -3.35
CA GLY A 28 4.16 -2.36 -2.90
C GLY A 28 4.98 -3.43 -3.59
N SER A 29 5.64 -3.12 -4.72
CA SER A 29 6.52 -4.05 -5.45
C SER A 29 7.65 -4.52 -4.51
N ASP A 30 7.77 -5.82 -4.19
CA ASP A 30 8.83 -6.30 -3.29
CA ASP A 30 8.83 -6.33 -3.31
C ASP A 30 10.20 -6.11 -3.97
N ALA A 31 10.23 -6.24 -5.28
CA ALA A 31 11.36 -6.00 -6.07
C ALA A 31 10.90 -5.20 -7.29
N VAL A 32 11.61 -4.13 -7.58
CA VAL A 32 11.32 -3.35 -8.74
C VAL A 32 12.41 -3.61 -9.76
N GLU A 33 12.03 -3.70 -11.03
CA GLU A 33 12.99 -3.80 -12.11
C GLU A 33 13.32 -2.39 -12.60
N LEU A 34 14.59 -2.00 -12.45
CA LEU A 34 14.98 -0.68 -12.86
C LEU A 34 14.62 -0.42 -14.32
N PRO A 35 14.75 -1.38 -15.26
CA PRO A 35 14.30 -1.07 -16.62
C PRO A 35 12.84 -0.59 -16.68
N ASP A 36 11.99 -1.08 -15.78
CA ASP A 36 10.59 -0.67 -15.80
C ASP A 36 10.49 0.81 -15.39
N VAL A 37 11.33 1.21 -14.43
CA VAL A 37 11.33 2.60 -13.93
C VAL A 37 11.84 3.52 -15.03
N LEU A 38 12.89 3.10 -15.72
CA LEU A 38 13.46 3.92 -16.79
C LEU A 38 12.48 4.00 -17.97
N GLU A 39 11.78 2.90 -18.31
CA GLU A 39 10.73 2.93 -19.34
C GLU A 39 9.62 3.92 -18.96
N PHE A 40 9.20 3.87 -17.69
CA PHE A 40 8.16 4.75 -17.19
C PHE A 40 8.60 6.21 -17.35
N VAL A 41 9.83 6.54 -16.98
CA VAL A 41 10.33 7.88 -17.10
C VAL A 41 10.35 8.33 -18.56
N ARG A 42 10.80 7.46 -19.46
CA ARG A 42 10.86 7.89 -20.88
C ARG A 42 9.47 8.19 -21.42
N LEU A 43 8.47 7.39 -21.03
CA LEU A 43 7.10 7.57 -21.47
C LEU A 43 6.51 8.86 -20.89
N LEU A 44 6.79 9.06 -19.60
CA LEU A 44 6.31 10.22 -18.89
CA LEU A 44 6.33 10.23 -18.87
C LEU A 44 6.76 11.48 -19.62
N GLU A 45 8.03 11.51 -20.04
CA GLU A 45 8.61 12.69 -20.64
C GLU A 45 7.94 13.04 -21.99
N LYS A 46 7.42 12.03 -22.69
CA LYS A 46 6.80 12.15 -24.01
C LYS A 46 5.28 12.34 -23.90
N GLU A 47 4.71 12.22 -22.70
CA GLU A 47 3.25 12.25 -22.53
C GLU A 47 2.74 13.65 -22.91
N LYS A 48 1.78 13.68 -23.83
CA LYS A 48 1.26 14.94 -24.38
CA LYS A 48 1.28 14.94 -24.37
C LYS A 48 0.45 15.68 -23.30
N LYS A 49 -0.40 14.93 -22.59
CA LYS A 49 -1.28 15.50 -21.56
CA LYS A 49 -1.28 15.50 -21.56
C LYS A 49 -0.46 15.78 -20.29
N ALA A 50 -0.75 16.92 -19.65
CA ALA A 50 -0.12 17.33 -18.40
C ALA A 50 -0.89 16.76 -17.21
N GLY A 51 -0.19 16.61 -16.08
CA GLY A 51 -0.84 16.28 -14.81
C GLY A 51 -1.46 14.89 -14.81
N THR A 52 -0.83 13.90 -15.45
CA THR A 52 -1.43 12.61 -15.54
C THR A 52 -1.08 11.74 -14.33
N LEU A 53 -0.10 12.15 -13.51
CA LEU A 53 0.28 11.37 -12.34
C LEU A 53 -0.38 11.97 -11.10
N PHE A 54 -1.24 11.20 -10.44
CA PHE A 54 -1.97 11.67 -9.30
C PHE A 54 -1.12 11.49 -8.05
N TYR A 55 -1.27 12.41 -7.10
CA TYR A 55 -0.56 12.31 -5.85
C TYR A 55 -1.34 11.41 -4.90
N THR A 56 -0.72 11.13 -3.75
CA THR A 56 -1.33 10.20 -2.78
C THR A 56 -1.53 10.92 -1.44
N ASP A 57 -1.73 10.13 -0.36
CA ASP A 57 -1.82 10.66 0.97
C ASP A 57 -0.57 11.48 1.34
N ASP A 58 0.60 11.15 0.78
CA ASP A 58 1.81 11.87 1.16
C ASP A 58 1.68 13.35 0.86
N THR A 59 1.26 13.63 -0.37
CA THR A 59 1.08 15.04 -0.79
C THR A 59 -0.17 15.64 -0.16
N ALA A 60 -1.27 14.88 -0.05
CA ALA A 60 -2.48 15.41 0.58
C ALA A 60 -2.16 15.98 1.96
N MET A 61 -1.38 15.22 2.75
CA MET A 61 -1.06 15.67 4.09
CA MET A 61 -1.05 15.66 4.10
C MET A 61 -0.02 16.81 4.06
N THR A 62 0.93 16.74 3.13
CA THR A 62 1.90 17.83 2.94
C THR A 62 1.14 19.16 2.70
N ARG A 63 0.14 19.10 1.83
CA ARG A 63 -0.63 20.32 1.50
C ARG A 63 -1.31 20.85 2.76
N ALA A 64 -1.84 19.95 3.61
CA ALA A 64 -2.51 20.34 4.86
C ALA A 64 -1.50 20.97 5.83
N VAL A 65 -0.30 20.39 5.97
CA VAL A 65 0.74 20.97 6.80
C VAL A 65 0.98 22.41 6.35
N ILE A 66 1.20 22.58 5.05
CA ILE A 66 1.56 23.90 4.52
C ILE A 66 0.44 24.90 4.77
N GLN A 67 -0.80 24.50 4.52
CA GLN A 67 -1.91 25.43 4.71
CA GLN A 67 -1.94 25.39 4.71
C GLN A 67 -2.00 25.82 6.19
N SER A 68 -1.71 24.90 7.10
CA SER A 68 -1.72 25.22 8.52
C SER A 68 -0.63 26.22 8.88
N LEU A 69 0.58 26.00 8.37
CA LEU A 69 1.72 26.88 8.69
C LEU A 69 1.43 28.28 8.14
N ILE A 70 0.84 28.36 6.95
CA ILE A 70 0.59 29.69 6.34
C ILE A 70 -0.46 30.42 7.18
N ALA A 71 -1.51 29.71 7.61
CA ALA A 71 -2.60 30.30 8.37
C ALA A 71 -2.18 30.64 9.80
N LYS A 72 -1.33 29.80 10.39
CA LYS A 72 -0.91 29.89 11.80
C LYS A 72 0.60 29.71 11.86
N PRO A 73 1.35 30.75 11.46
CA PRO A 73 2.81 30.67 11.35
C PRO A 73 3.58 30.42 12.64
N ASP A 74 2.93 30.58 13.80
CA ASP A 74 3.60 30.31 15.07
C ASP A 74 3.44 28.84 15.46
N PHE A 75 2.76 28.06 14.60
CA PHE A 75 2.52 26.63 14.72
C PHE A 75 1.35 26.34 15.66
N ASP A 76 0.25 25.85 15.06
CA ASP A 76 -0.99 25.57 15.78
C ASP A 76 -1.41 24.14 15.48
N GLU A 77 -1.13 23.24 16.41
CA GLU A 77 -1.36 21.81 16.22
CA GLU A 77 -1.36 21.81 16.20
C GLU A 77 -2.86 21.51 16.14
N VAL A 78 -3.70 22.35 16.76
CA VAL A 78 -5.15 22.16 16.69
C VAL A 78 -5.65 22.46 15.28
N ASP A 79 -5.18 23.57 14.70
CA ASP A 79 -5.47 23.93 13.36
C ASP A 79 -4.99 22.80 12.41
N MET A 80 -3.77 22.33 12.64
CA MET A 80 -3.18 21.36 11.73
C MET A 80 -3.98 20.03 11.78
N ALA A 81 -4.37 19.59 12.97
CA ALA A 81 -5.15 18.37 13.11
C ALA A 81 -6.47 18.50 12.36
N LYS A 82 -7.13 19.66 12.48
CA LYS A 82 -8.37 19.88 11.79
C LYS A 82 -8.17 19.78 10.28
N ARG A 83 -7.09 20.38 9.75
CA ARG A 83 -6.83 20.32 8.33
C ARG A 83 -6.57 18.88 7.89
N PHE A 84 -5.84 18.10 8.69
CA PHE A 84 -5.62 16.68 8.36
C PHE A 84 -6.96 15.96 8.24
N ALA A 85 -7.82 16.13 9.24
CA ALA A 85 -9.05 15.40 9.30
C ALA A 85 -10.00 15.83 8.17
N GLU A 86 -10.02 17.12 7.88
CA GLU A 86 -10.89 17.65 6.83
CA GLU A 86 -10.90 17.64 6.83
C GLU A 86 -10.38 17.22 5.45
N GLU A 87 -9.05 17.14 5.28
CA GLU A 87 -8.49 16.67 4.01
C GLU A 87 -8.88 15.22 3.76
N TYR A 88 -8.75 14.36 4.77
CA TYR A 88 -9.16 12.98 4.66
C TYR A 88 -10.63 12.91 4.25
N LYS A 89 -11.48 13.65 4.97
CA LYS A 89 -12.92 13.60 4.71
C LYS A 89 -13.22 14.00 3.26
N LYS A 90 -12.50 14.98 2.72
CA LYS A 90 -12.71 15.45 1.34
C LYS A 90 -12.26 14.40 0.32
N GLU A 91 -11.10 13.78 0.55
CA GLU A 91 -10.53 12.86 -0.40
C GLU A 91 -10.03 11.62 0.34
N PRO A 92 -10.95 10.77 0.81
CA PRO A 92 -10.57 9.64 1.65
C PRO A 92 -9.83 8.47 0.97
N THR A 93 -9.81 8.42 -0.35
CA THR A 93 -9.23 7.27 -1.08
C THR A 93 -7.79 7.52 -1.54
N ARG A 94 -7.15 8.57 -1.03
CA ARG A 94 -5.79 8.95 -1.53
C ARG A 94 -4.68 7.96 -1.17
N GLY A 95 -4.93 7.02 -0.26
CA GLY A 95 -3.92 5.98 0.00
C GLY A 95 -3.52 5.81 1.45
N TYR A 96 -4.35 6.30 2.37
CA TYR A 96 -4.08 6.18 3.82
C TYR A 96 -4.10 4.71 4.22
N GLY A 97 -3.17 4.30 5.06
CA GLY A 97 -3.18 2.94 5.57
C GLY A 97 -2.70 2.89 7.00
N ALA A 98 -2.35 1.69 7.45
CA ALA A 98 -1.74 1.49 8.75
C ALA A 98 -2.59 2.10 9.86
N GLY A 99 -3.91 1.98 9.70
CA GLY A 99 -4.85 2.38 10.71
C GLY A 99 -5.10 3.88 10.82
N VAL A 100 -4.44 4.72 10.03
CA VAL A 100 -4.42 6.18 10.34
C VAL A 100 -5.82 6.80 10.19
N VAL A 101 -6.68 6.21 9.38
CA VAL A 101 -8.03 6.80 9.20
C VAL A 101 -8.79 6.81 10.53
N GLN A 102 -8.51 5.85 11.43
CA GLN A 102 -9.19 5.85 12.74
C GLN A 102 -8.85 7.13 13.52
N VAL A 103 -7.63 7.66 13.36
CA VAL A 103 -7.25 8.93 13.97
C VAL A 103 -8.13 10.05 13.42
N PHE A 104 -8.27 10.14 12.11
CA PHE A 104 -9.06 11.19 11.49
C PHE A 104 -10.52 11.09 11.94
N LYS A 105 -11.04 9.87 11.98
CA LYS A 105 -12.49 9.66 12.35
C LYS A 105 -12.70 10.15 13.78
N LYS A 106 -11.74 9.87 14.67
CA LYS A 106 -11.84 10.31 16.06
C LYS A 106 -11.71 11.84 16.15
N LEU A 107 -10.80 12.46 15.38
CA LEU A 107 -10.65 13.91 15.35
C LEU A 107 -11.95 14.58 14.87
N LEU A 108 -12.68 13.93 13.96
CA LEU A 108 -13.90 14.51 13.34
C LEU A 108 -15.07 14.37 14.31
N SER A 109 -14.96 13.45 15.27
CA SER A 109 -16.05 13.17 16.20
C SER A 109 -16.07 14.24 17.28
N PRO A 110 -17.25 14.55 17.86
CA PRO A 110 -17.27 15.47 19.00
C PRO A 110 -16.71 14.87 20.30
N LYS A 111 -16.48 13.55 20.32
CA LYS A 111 -16.15 12.80 21.55
C LYS A 111 -14.68 13.00 21.98
N TYR A 112 -13.83 13.46 21.07
CA TYR A 112 -12.42 13.70 21.37
C TYR A 112 -12.17 15.21 21.34
N SER A 113 -11.55 15.74 22.41
CA SER A 113 -11.21 17.16 22.51
C SER A 113 -9.69 17.39 22.57
N ASP A 114 -8.89 16.35 22.90
CA ASP A 114 -7.41 16.47 22.96
C ASP A 114 -6.88 15.98 21.60
N VAL A 115 -6.33 16.88 20.76
CA VAL A 115 -6.04 16.48 19.37
C VAL A 115 -4.92 15.45 19.30
N PHE A 116 -4.17 15.24 20.40
CA PHE A 116 -3.12 14.21 20.44
C PHE A 116 -3.67 12.84 20.89
N GLN A 117 -4.87 12.79 21.48
CA GLN A 117 -5.33 11.56 22.10
C GLN A 117 -5.64 10.45 21.08
N PRO A 118 -6.34 10.70 19.95
CA PRO A 118 -6.57 9.63 18.98
C PRO A 118 -5.27 8.91 18.61
N ALA A 119 -4.21 9.67 18.34
CA ALA A 119 -2.94 9.03 17.95
C ALA A 119 -2.38 8.13 19.06
N ARG A 120 -2.57 8.53 20.33
CA ARG A 120 -2.07 7.74 21.40
C ARG A 120 -2.75 6.37 21.48
N GLU A 121 -4.00 6.28 21.00
CA GLU A 121 -4.81 5.05 21.10
C GLU A 121 -4.48 4.03 20.03
N GLN A 122 -3.73 4.44 19.00
CA GLN A 122 -3.39 3.56 17.93
C GLN A 122 -2.48 2.43 18.39
N PHE A 123 -2.55 1.28 17.72
CA PHE A 123 -1.69 0.12 17.99
C PHE A 123 -1.80 -0.23 19.48
N ASP A 124 -3.04 -0.39 19.92
CA ASP A 124 -3.36 -0.82 21.29
C ASP A 124 -2.62 0.07 22.30
N GLY A 125 -2.61 1.39 22.03
CA GLY A 125 -2.08 2.38 22.97
C GLY A 125 -0.58 2.59 22.87
N LYS A 126 0.09 1.94 21.92
CA LYS A 126 1.53 2.10 21.76
C LYS A 126 1.85 3.20 20.73
N GLY A 127 0.89 3.53 19.88
CA GLY A 127 1.10 4.51 18.84
C GLY A 127 1.68 3.89 17.58
N SER A 128 1.45 4.60 16.47
CA SER A 128 1.97 4.19 15.16
C SER A 128 3.45 4.52 15.02
N TYR A 129 4.18 3.55 14.45
CA TYR A 129 5.57 3.74 14.10
C TYR A 129 5.75 3.82 12.58
N GLY A 130 4.67 4.11 11.88
CA GLY A 130 4.73 4.30 10.45
C GLY A 130 5.42 5.60 10.07
N ASN A 131 5.52 5.79 8.76
CA ASN A 131 6.29 6.92 8.21
C ASN A 131 5.40 8.10 7.83
N GLY A 132 4.09 8.05 8.13
CA GLY A 132 3.21 9.12 7.79
C GLY A 132 3.53 10.45 8.44
N GLY A 133 4.11 10.45 9.64
CA GLY A 133 4.59 11.70 10.22
C GLY A 133 5.72 12.31 9.42
N ALA A 134 6.61 11.46 8.93
CA ALA A 134 7.82 11.89 8.22
C ALA A 134 7.53 12.28 6.78
N MET A 135 6.51 11.68 6.15
CA MET A 135 6.29 11.87 4.71
C MET A 135 5.89 13.32 4.40
N ARG A 136 5.37 14.03 5.40
CA ARG A 136 4.71 15.33 5.25
C ARG A 136 5.47 16.43 5.98
N VAL A 137 6.63 16.10 6.59
CA VAL A 137 7.26 16.99 7.58
C VAL A 137 8.23 18.00 6.95
N ALA A 138 8.65 17.81 5.70
CA ALA A 138 9.71 18.64 5.17
C ALA A 138 9.42 20.13 5.33
N SER A 139 8.17 20.54 5.14
CA SER A 139 7.76 21.93 5.21
C SER A 139 8.13 22.58 6.55
N ILE A 140 8.19 21.81 7.64
CA ILE A 140 8.59 22.35 8.92
C ILE A 140 10.02 22.89 8.81
N ALA A 141 10.92 22.15 8.15
CA ALA A 141 12.30 22.58 8.02
C ALA A 141 12.41 23.75 7.03
N LEU A 142 11.45 23.85 6.11
CA LEU A 142 11.49 24.96 5.13
C LEU A 142 11.01 26.26 5.78
N ALA A 143 10.12 26.17 6.78
CA ALA A 143 9.48 27.36 7.37
C ALA A 143 10.25 27.90 8.57
N TYR A 144 10.92 27.04 9.32
CA TYR A 144 11.50 27.42 10.61
C TYR A 144 13.01 27.22 10.57
N PRO A 145 13.79 28.31 10.51
CA PRO A 145 15.24 28.17 10.41
C PRO A 145 15.93 27.61 11.64
N ASN A 146 15.35 27.81 12.84
CA ASN A 146 15.98 27.40 14.08
C ASN A 146 15.79 25.89 14.29
N ILE A 147 16.88 25.16 14.44
CA ILE A 147 16.84 23.71 14.62
C ILE A 147 15.97 23.28 15.81
N GLN A 148 15.92 24.05 16.91
CA GLN A 148 15.12 23.68 18.07
CA GLN A 148 15.13 23.58 18.04
C GLN A 148 13.64 23.71 17.69
N ASP A 149 13.25 24.69 16.87
CA ASP A 149 11.88 24.79 16.38
C ASP A 149 11.59 23.61 15.42
N VAL A 150 12.53 23.31 14.54
CA VAL A 150 12.35 22.20 13.61
C VAL A 150 12.06 20.94 14.42
N ILE A 151 12.86 20.66 15.44
CA ILE A 151 12.69 19.44 16.24
C ILE A 151 11.31 19.41 16.91
N LYS A 152 10.97 20.49 17.61
CA LYS A 152 9.78 20.46 18.42
C LYS A 152 8.53 20.44 17.51
N PHE A 153 8.54 21.17 16.39
CA PHE A 153 7.36 21.19 15.53
C PHE A 153 7.29 19.95 14.63
N ALA A 154 8.43 19.38 14.23
CA ALA A 154 8.41 18.08 13.54
C ALA A 154 7.75 17.06 14.49
N ARG A 155 8.19 17.04 15.75
CA ARG A 155 7.66 16.08 16.71
C ARG A 155 6.15 16.27 16.88
N ARG A 156 5.71 17.51 17.14
CA ARG A 156 4.30 17.74 17.44
C ARG A 156 3.41 17.46 16.22
N SER A 157 3.87 17.90 15.04
CA SER A 157 3.12 17.62 13.82
C SER A 157 2.98 16.11 13.63
N ALA A 158 4.05 15.35 13.91
CA ALA A 158 3.99 13.89 13.71
C ALA A 158 3.06 13.26 14.74
N GLN A 159 3.09 13.76 15.98
CA GLN A 159 2.32 13.15 17.08
C GLN A 159 0.79 13.29 16.86
N LEU A 160 0.36 14.14 15.97
CA LEU A 160 -1.07 14.21 15.61
C LEU A 160 -1.59 12.88 15.08
N THR A 161 -0.70 12.09 14.45
CA THR A 161 -1.12 10.79 13.93
C THR A 161 -0.22 9.64 14.43
N HIS A 162 1.03 9.93 14.81
CA HIS A 162 2.07 8.91 15.05
C HIS A 162 2.66 9.15 16.43
N ALA A 163 2.14 8.44 17.43
CA ALA A 163 2.48 8.68 18.83
C ALA A 163 3.60 7.77 19.32
N SER A 164 4.02 6.75 18.56
CA SER A 164 5.18 5.95 18.94
C SER A 164 6.42 6.81 18.74
N PRO A 165 7.39 6.77 19.67
CA PRO A 165 8.66 7.45 19.46
C PRO A 165 9.33 7.05 18.14
N LEU A 166 9.13 5.81 17.65
CA LEU A 166 9.72 5.49 16.36
C LEU A 166 9.10 6.35 15.27
N GLY A 167 7.78 6.56 15.34
CA GLY A 167 7.10 7.36 14.34
C GLY A 167 7.50 8.83 14.41
N TYR A 168 7.45 9.41 15.61
CA TYR A 168 7.72 10.85 15.69
C TYR A 168 9.22 11.12 15.60
N ASN A 169 10.10 10.24 16.11
CA ASN A 169 11.52 10.48 15.92
C ASN A 169 11.92 10.27 14.46
N GLY A 170 11.19 9.43 13.72
CA GLY A 170 11.43 9.34 12.27
C GLY A 170 11.12 10.63 11.58
N ALA A 171 10.02 11.27 11.98
CA ALA A 171 9.65 12.57 11.44
C ALA A 171 10.71 13.62 11.78
N ILE A 172 11.20 13.63 13.02
CA ILE A 172 12.25 14.56 13.40
C ILE A 172 13.47 14.36 12.50
N LEU A 173 13.86 13.09 12.30
CA LEU A 173 15.06 12.79 11.50
C LEU A 173 14.91 13.35 10.08
N GLN A 174 13.74 13.09 9.48
CA GLN A 174 13.46 13.57 8.11
C GLN A 174 13.52 15.08 8.05
N ALA A 175 12.93 15.75 9.05
CA ALA A 175 12.94 17.21 9.10
C ALA A 175 14.37 17.73 9.25
N LEU A 176 15.18 17.04 10.06
CA LEU A 176 16.57 17.43 10.24
C LEU A 176 17.36 17.23 8.96
N ALA A 177 17.09 16.16 8.22
CA ALA A 177 17.81 15.94 6.96
C ALA A 177 17.54 17.09 6.00
N VAL A 178 16.28 17.52 5.91
CA VAL A 178 15.94 18.67 5.08
C VAL A 178 16.65 19.91 5.62
N HIS A 179 16.58 20.13 6.93
CA HIS A 179 17.21 21.30 7.53
C HIS A 179 18.70 21.39 7.16
N PHE A 180 19.43 20.30 7.35
CA PHE A 180 20.89 20.35 7.08
C PHE A 180 21.18 20.44 5.59
N ALA A 181 20.32 19.85 4.75
CA ALA A 181 20.51 19.93 3.30
C ALA A 181 20.33 21.37 2.79
N LEU A 182 19.57 22.20 3.50
CA LEU A 182 19.35 23.61 3.08
C LEU A 182 20.59 24.47 3.30
N GLN A 183 21.54 24.00 4.13
CA GLN A 183 22.58 24.90 4.67
C GLN A 183 23.75 25.02 3.69
N GLY A 184 23.75 24.33 2.56
CA GLY A 184 24.81 24.49 1.61
C GLY A 184 25.50 23.20 1.29
N GLU A 185 26.50 23.29 0.41
CA GLU A 185 27.29 22.17 -0.02
C GLU A 185 27.73 21.33 1.18
N LEU A 186 27.53 20.02 1.10
CA LEU A 186 27.78 19.12 2.22
C LEU A 186 28.77 18.02 1.81
N LYS A 187 29.46 17.53 2.82
CA LYS A 187 30.15 16.27 2.69
CA LYS A 187 30.21 16.29 2.78
C LYS A 187 29.34 15.21 3.44
N ARG A 188 29.24 14.03 2.80
CA ARG A 188 28.35 13.00 3.30
C ARG A 188 28.63 12.70 4.78
N ASP A 189 29.90 12.52 5.16
CA ASP A 189 30.16 12.12 6.53
C ASP A 189 29.81 13.25 7.51
N THR A 190 30.01 14.50 7.11
CA THR A 190 29.69 15.62 7.99
C THR A 190 28.16 15.70 8.19
N PHE A 191 27.41 15.53 7.09
CA PHE A 191 25.95 15.53 7.17
C PHE A 191 25.47 14.43 8.09
N LEU A 192 26.01 13.23 7.91
CA LEU A 192 25.60 12.13 8.78
C LEU A 192 25.94 12.40 10.23
N GLU A 193 27.10 12.99 10.54
CA GLU A 193 27.41 13.32 11.94
CA GLU A 193 27.42 13.32 11.93
C GLU A 193 26.46 14.38 12.47
N GLN A 194 26.02 15.31 11.63
CA GLN A 194 25.06 16.30 12.09
C GLN A 194 23.77 15.57 12.54
N LEU A 195 23.31 14.63 11.69
CA LEU A 195 22.09 13.89 12.04
C LEU A 195 22.30 12.99 13.25
N ILE A 196 23.43 12.29 13.30
CA ILE A 196 23.72 11.38 14.42
C ILE A 196 23.80 12.17 15.72
N GLY A 197 24.48 13.34 15.70
CA GLY A 197 24.60 14.12 16.91
C GLY A 197 23.25 14.55 17.46
N GLU A 198 22.33 14.94 16.58
CA GLU A 198 21.00 15.30 17.05
C GLU A 198 20.22 14.06 17.53
N MET A 199 20.27 12.97 16.77
CA MET A 199 19.44 11.83 17.11
C MET A 199 19.95 11.14 18.38
N GLU A 200 21.26 11.23 18.67
CA GLU A 200 21.77 10.66 19.93
C GLU A 200 21.06 11.33 21.10
N ARG A 201 20.94 12.66 21.05
CA ARG A 201 20.30 13.39 22.13
CA ARG A 201 20.30 13.42 22.12
C ARG A 201 18.80 13.12 22.16
N ILE A 202 18.17 13.07 20.99
CA ILE A 202 16.73 12.90 20.91
C ILE A 202 16.34 11.50 21.37
N GLU A 203 17.05 10.47 20.91
CA GLU A 203 16.70 9.08 21.23
C GLU A 203 17.21 8.69 22.61
N GLY A 204 18.31 9.30 23.04
CA GLY A 204 19.07 8.88 24.25
C GLY A 204 18.71 9.75 25.45
N VAL A 221 19.02 -0.76 19.88
CA VAL A 221 17.68 -0.90 20.48
C VAL A 221 17.32 0.41 21.19
N LYS A 222 18.31 1.05 21.81
CA LYS A 222 18.09 2.27 22.55
C LYS A 222 18.16 3.47 21.60
N LEU A 223 19.04 3.39 20.59
CA LEU A 223 19.18 4.44 19.59
C LEU A 223 18.99 3.83 18.21
N PRO A 224 17.76 3.37 17.88
CA PRO A 224 17.54 2.72 16.60
C PRO A 224 17.81 3.57 15.35
N PHE A 225 17.42 4.84 15.34
CA PHE A 225 17.74 5.67 14.17
C PHE A 225 19.23 5.92 14.08
N CYS A 226 19.86 6.18 15.21
CA CYS A 226 21.32 6.39 15.23
CA CYS A 226 21.31 6.39 15.23
C CYS A 226 22.04 5.17 14.64
N SER A 227 21.57 3.98 15.01
CA SER A 227 22.18 2.74 14.51
CA SER A 227 22.16 2.74 14.51
CA SER A 227 22.16 2.74 14.51
C SER A 227 22.04 2.65 12.98
N ARG A 228 20.86 3.04 12.43
CA ARG A 228 20.67 3.00 10.99
CA ARG A 228 20.68 2.98 10.99
C ARG A 228 21.54 4.06 10.30
N LEU A 229 21.69 5.24 10.90
CA LEU A 229 22.54 6.27 10.31
C LEU A 229 24.01 5.80 10.26
N LYS A 230 24.43 5.08 11.30
CA LYS A 230 25.79 4.57 11.30
CA LYS A 230 25.79 4.55 11.31
C LYS A 230 25.95 3.52 10.19
N LYS A 231 24.91 2.71 9.94
CA LYS A 231 24.95 1.73 8.86
CA LYS A 231 24.95 1.73 8.86
C LYS A 231 25.04 2.45 7.52
N ILE A 232 24.33 3.57 7.36
CA ILE A 232 24.42 4.36 6.14
C ILE A 232 25.87 4.79 5.90
N LYS A 233 26.53 5.29 6.95
CA LYS A 233 27.90 5.75 6.83
C LYS A 233 28.77 4.59 6.33
N GLU A 234 28.55 3.40 6.88
CA GLU A 234 29.32 2.18 6.50
C GLU A 234 29.07 1.87 5.03
N PHE A 235 27.80 1.89 4.60
CA PHE A 235 27.44 1.59 3.22
C PHE A 235 28.08 2.59 2.26
N LEU A 236 28.09 3.87 2.60
CA LEU A 236 28.64 4.87 1.70
C LEU A 236 30.16 4.69 1.57
N ALA A 237 30.79 4.17 2.62
CA ALA A 237 32.26 3.92 2.63
C ALA A 237 32.58 2.65 1.84
N SER A 238 31.59 1.75 1.67
CA SER A 238 31.76 0.53 0.86
C SER A 238 31.56 0.84 -0.62
N SER A 239 31.93 -0.13 -1.46
CA SER A 239 31.81 -0.03 -2.90
C SER A 239 30.82 -1.09 -3.40
N ASN A 240 30.12 -0.80 -4.49
CA ASN A 240 29.37 -1.82 -5.24
C ASN A 240 28.23 -2.39 -4.41
N VAL A 241 27.58 -1.53 -3.62
CA VAL A 241 26.58 -2.04 -2.67
C VAL A 241 25.32 -2.41 -3.45
N PRO A 242 24.88 -3.69 -3.41
CA PRO A 242 23.68 -4.11 -4.11
C PRO A 242 22.44 -3.50 -3.43
N LYS A 243 21.43 -3.19 -4.25
CA LYS A 243 20.15 -2.70 -3.74
C LYS A 243 19.60 -3.70 -2.71
N ALA A 244 19.82 -5.00 -2.90
CA ALA A 244 19.28 -6.00 -1.98
C ALA A 244 19.85 -5.84 -0.55
N ASP A 245 21.11 -5.40 -0.42
CA ASP A 245 21.70 -5.17 0.89
C ASP A 245 21.07 -3.93 1.56
N ILE A 246 20.82 -2.91 0.76
CA ILE A 246 20.13 -1.71 1.28
C ILE A 246 18.75 -2.13 1.81
N VAL A 247 17.98 -2.86 0.99
CA VAL A 247 16.64 -3.27 1.39
C VAL A 247 16.73 -4.13 2.66
N ASP A 248 17.70 -5.04 2.70
CA ASP A 248 17.79 -5.98 3.81
C ASP A 248 18.16 -5.28 5.11
N GLU A 249 19.09 -4.31 5.07
CA GLU A 249 19.68 -3.74 6.28
C GLU A 249 19.00 -2.44 6.69
N LEU A 250 18.56 -1.62 5.73
CA LEU A 250 17.91 -0.35 6.06
C LEU A 250 16.39 -0.50 5.95
N GLY A 251 15.92 -1.24 4.95
CA GLY A 251 14.47 -1.49 4.78
C GLY A 251 13.90 -0.69 3.64
N HIS A 252 12.66 -1.05 3.25
CA HIS A 252 11.91 -0.28 2.29
C HIS A 252 10.42 -0.29 2.67
N GLY A 253 10.14 -0.23 3.96
CA GLY A 253 8.83 -0.45 4.46
C GLY A 253 8.13 0.82 4.90
N ILE A 254 6.89 0.65 5.33
CA ILE A 254 6.07 1.72 5.86
CA ILE A 254 6.04 1.69 5.87
C ILE A 254 6.58 2.17 7.23
N ALA A 255 7.29 1.31 7.98
CA ALA A 255 7.85 1.76 9.26
C ALA A 255 8.80 2.92 9.03
N ALA A 256 8.72 3.95 9.87
CA ALA A 256 9.67 5.08 9.77
C ALA A 256 11.11 4.59 9.84
N LEU A 257 11.39 3.61 10.71
CA LEU A 257 12.76 3.13 10.87
C LEU A 257 13.25 2.44 9.59
N GLU A 258 12.34 1.91 8.76
N GLU A 258 12.34 1.91 8.76
CA GLU A 258 12.66 1.19 7.53
CA GLU A 258 12.66 1.19 7.53
C GLU A 258 12.45 2.03 6.27
C GLU A 258 12.45 2.03 6.27
N SER A 259 12.23 3.33 6.41
N SER A 259 12.23 3.33 6.41
CA SER A 259 12.06 4.20 5.25
CA SER A 259 12.06 4.20 5.25
C SER A 259 12.81 5.54 5.37
C SER A 259 12.81 5.54 5.37
N VAL A 260 12.83 6.18 6.55
CA VAL A 260 13.48 7.47 6.65
C VAL A 260 14.98 7.31 6.42
N PRO A 261 15.71 6.42 7.11
CA PRO A 261 17.11 6.22 6.78
C PRO A 261 17.33 5.80 5.32
N THR A 262 16.42 4.98 4.77
CA THR A 262 16.61 4.57 3.39
C THR A 262 16.50 5.76 2.44
N ALA A 263 15.59 6.68 2.71
CA ALA A 263 15.47 7.90 1.89
C ALA A 263 16.74 8.74 2.01
N ILE A 264 17.29 8.86 3.23
CA ILE A 264 18.53 9.61 3.42
C ILE A 264 19.65 8.93 2.63
N TYR A 265 19.75 7.61 2.72
CA TYR A 265 20.77 6.89 1.97
C TYR A 265 20.62 7.18 0.47
N SER A 266 19.38 7.15 -0.03
CA SER A 266 19.13 7.35 -1.44
CA SER A 266 19.13 7.35 -1.44
C SER A 266 19.66 8.73 -1.87
N PHE A 267 19.33 9.77 -1.09
CA PHE A 267 19.83 11.11 -1.36
C PHE A 267 21.37 11.14 -1.39
N LEU A 268 21.99 10.56 -0.37
CA LEU A 268 23.46 10.68 -0.26
C LEU A 268 24.12 9.85 -1.38
N HIS A 269 23.58 8.67 -1.67
CA HIS A 269 24.12 7.82 -2.75
C HIS A 269 24.11 8.56 -4.09
N CYS A 270 23.04 9.30 -4.35
CA CYS A 270 22.79 9.88 -5.65
C CYS A 270 23.47 11.25 -5.82
N MET A 271 24.26 11.67 -4.83
CA MET A 271 25.16 12.81 -5.00
CA MET A 271 25.14 12.82 -5.01
C MET A 271 26.26 12.46 -6.00
N GLU A 272 26.50 11.16 -6.19
CA GLU A 272 27.49 10.66 -7.16
CA GLU A 272 27.49 10.66 -7.16
C GLU A 272 26.77 9.88 -8.27
N SER A 273 27.50 9.63 -9.36
CA SER A 273 26.90 8.91 -10.48
CA SER A 273 26.91 8.91 -10.48
C SER A 273 26.58 7.49 -10.03
N ASP A 274 25.54 6.91 -10.63
CA ASP A 274 25.19 5.52 -10.42
C ASP A 274 25.33 4.83 -11.76
N PRO A 275 26.17 3.77 -11.90
CA PRO A 275 26.37 3.14 -13.20
C PRO A 275 25.08 2.59 -13.83
N ASP A 276 24.03 2.31 -13.04
CA ASP A 276 22.82 1.73 -13.62
C ASP A 276 21.85 2.80 -14.11
N ILE A 277 22.03 4.06 -13.70
CA ILE A 277 21.07 5.12 -14.07
C ILE A 277 21.71 6.00 -15.13
N PRO A 278 21.11 6.08 -16.34
CA PRO A 278 21.71 6.86 -17.42
C PRO A 278 22.14 8.26 -16.99
N ASP A 279 23.25 8.70 -17.54
CA ASP A 279 23.93 9.92 -17.14
CA ASP A 279 23.93 9.93 -17.14
C ASP A 279 23.10 11.17 -17.48
N LEU A 280 22.12 11.03 -18.38
CA LEU A 280 21.36 12.22 -18.75
C LEU A 280 20.47 12.67 -17.59
N TYR A 281 20.26 11.80 -16.60
CA TYR A 281 19.46 12.20 -15.42
C TYR A 281 20.35 12.99 -14.44
N ASN A 282 19.82 14.11 -13.95
CA ASN A 282 20.52 14.92 -12.97
C ASN A 282 20.42 14.26 -11.59
N ASN A 283 21.05 14.88 -10.57
CA ASN A 283 21.09 14.25 -9.25
C ASN A 283 19.70 14.05 -8.67
N LEU A 284 18.83 15.05 -8.80
CA LEU A 284 17.50 14.92 -8.24
C LEU A 284 16.71 13.82 -8.96
N GLN A 285 16.80 13.79 -10.29
CA GLN A 285 16.13 12.74 -11.07
C GLN A 285 16.67 11.37 -10.68
N ARG A 286 18.01 11.25 -10.57
CA ARG A 286 18.66 10.02 -10.17
C ARG A 286 18.13 9.59 -8.80
N THR A 287 18.00 10.55 -7.89
CA THR A 287 17.52 10.26 -6.51
C THR A 287 16.14 9.62 -6.56
N ILE A 288 15.24 10.19 -7.35
CA ILE A 288 13.88 9.66 -7.44
C ILE A 288 13.89 8.28 -8.10
N ILE A 289 14.64 8.13 -9.20
CA ILE A 289 14.73 6.84 -9.86
C ILE A 289 15.29 5.76 -8.92
N TYR A 290 16.41 6.05 -8.28
CA TYR A 290 17.04 5.12 -7.38
C TYR A 290 16.09 4.75 -6.22
N SER A 291 15.46 5.76 -5.63
CA SER A 291 14.50 5.51 -4.55
C SER A 291 13.44 4.50 -4.98
N ILE A 292 12.82 4.77 -6.12
CA ILE A 292 11.75 3.88 -6.60
C ILE A 292 12.32 2.48 -6.84
N SER A 293 13.55 2.39 -7.34
CA SER A 293 14.16 1.12 -7.68
C SER A 293 14.37 0.22 -6.45
N LEU A 294 14.32 0.77 -5.23
CA LEU A 294 14.47 -0.01 -4.01
C LEU A 294 13.18 -0.78 -3.68
N GLY A 295 12.06 -0.42 -4.31
CA GLY A 295 10.78 -1.10 -4.12
C GLY A 295 10.16 -0.81 -2.77
N GLY A 296 9.17 -1.61 -2.42
CA GLY A 296 8.46 -1.39 -1.16
C GLY A 296 7.58 -0.16 -1.20
N ASP A 297 7.77 0.69 -0.18
CA ASP A 297 7.00 1.88 -0.03
C ASP A 297 7.63 2.99 -0.88
N THR A 298 7.52 2.82 -2.19
CA THR A 298 8.23 3.67 -3.15
C THR A 298 7.77 5.12 -3.14
N ASP A 299 6.46 5.43 -3.05
CA ASP A 299 6.08 6.84 -3.08
C ASP A 299 6.58 7.54 -1.81
N THR A 300 6.60 6.86 -0.66
CA THR A 300 7.04 7.59 0.54
C THR A 300 8.56 7.70 0.61
N ILE A 301 9.27 6.62 0.25
CA ILE A 301 10.73 6.75 0.23
C ILE A 301 11.14 7.79 -0.81
N ALA A 302 10.52 7.79 -2.00
CA ALA A 302 10.89 8.79 -3.02
C ALA A 302 10.44 10.19 -2.62
N THR A 303 9.28 10.34 -1.95
CA THR A 303 8.86 11.69 -1.57
C THR A 303 9.81 12.28 -0.52
N MET A 304 10.37 11.43 0.34
CA MET A 304 11.26 11.91 1.40
C MET A 304 12.66 12.19 0.85
N ALA A 305 13.15 11.29 -0.02
CA ALA A 305 14.44 11.49 -0.65
C ALA A 305 14.36 12.71 -1.58
N GLY A 306 13.23 12.84 -2.27
CA GLY A 306 13.03 13.96 -3.22
C GLY A 306 12.98 15.29 -2.51
N ALA A 307 12.35 15.33 -1.32
CA ALA A 307 12.30 16.56 -0.53
C ALA A 307 13.72 17.00 -0.14
N ILE A 308 14.54 16.05 0.32
CA ILE A 308 15.92 16.37 0.73
C ILE A 308 16.70 16.83 -0.50
N ALA A 309 16.64 16.07 -1.59
CA ALA A 309 17.35 16.41 -2.83
C ALA A 309 16.91 17.78 -3.35
N GLY A 310 15.62 18.06 -3.31
CA GLY A 310 15.11 19.34 -3.79
C GLY A 310 15.63 20.50 -2.96
N ALA A 311 15.68 20.33 -1.64
CA ALA A 311 16.20 21.34 -0.71
C ALA A 311 17.68 21.59 -1.04
N TYR A 312 18.40 20.53 -1.43
CA TYR A 312 19.85 20.62 -1.62
C TYR A 312 20.16 21.25 -2.97
N TYR A 313 19.62 20.68 -4.04
CA TYR A 313 19.96 21.05 -5.41
C TYR A 313 19.10 22.19 -5.95
N GLY A 314 17.89 22.36 -5.40
CA GLY A 314 16.99 23.39 -5.79
C GLY A 314 16.28 23.14 -7.11
N MET A 315 15.45 24.12 -7.47
CA MET A 315 14.57 24.08 -8.61
C MET A 315 15.32 23.88 -9.93
N ASP A 316 16.60 24.25 -9.98
CA ASP A 316 17.39 24.05 -11.18
C ASP A 316 17.33 22.59 -11.65
N GLN A 317 17.16 21.64 -10.73
CA GLN A 317 17.15 20.23 -11.15
C GLN A 317 15.75 19.64 -11.25
N VAL A 318 14.74 20.48 -11.07
CA VAL A 318 13.36 20.05 -11.23
C VAL A 318 12.94 20.32 -12.67
N THR A 319 13.01 19.30 -13.53
CA THR A 319 12.93 19.61 -14.96
C THR A 319 11.48 19.79 -15.40
N PRO A 320 11.28 20.65 -16.43
CA PRO A 320 9.95 20.90 -16.95
C PRO A 320 9.19 19.63 -17.31
N SER A 321 9.84 18.67 -17.99
CA SER A 321 9.12 17.52 -18.50
C SER A 321 8.66 16.60 -17.35
N TRP A 322 9.41 16.60 -16.27
CA TRP A 322 9.03 15.80 -15.10
C TRP A 322 7.89 16.49 -14.34
N LYS A 323 8.07 17.76 -14.01
CA LYS A 323 7.13 18.39 -13.09
C LYS A 323 5.76 18.54 -13.73
N ARG A 324 5.70 18.73 -15.06
CA ARG A 324 4.40 18.96 -15.71
C ARG A 324 3.52 17.72 -15.62
N SER A 325 4.11 16.57 -15.28
CA SER A 325 3.43 15.28 -15.18
CA SER A 325 3.43 15.29 -15.20
C SER A 325 2.60 15.20 -13.91
N CYS A 326 2.90 16.06 -12.93
CA CYS A 326 2.36 15.88 -11.58
C CYS A 326 1.09 16.68 -11.35
N GLU A 327 0.08 16.00 -10.80
CA GLU A 327 -1.06 16.67 -10.23
C GLU A 327 -0.60 17.77 -9.25
N ALA A 328 -1.22 18.95 -9.37
CA ALA A 328 -1.05 20.03 -8.40
C ALA A 328 0.34 20.67 -8.45
N ILE A 329 1.08 20.52 -9.55
CA ILE A 329 2.39 21.18 -9.64
C ILE A 329 2.25 22.70 -9.49
N VAL A 330 1.27 23.32 -10.16
CA VAL A 330 1.17 24.77 -10.07
C VAL A 330 0.92 25.23 -8.64
N GLU A 331 -0.03 24.58 -7.96
CA GLU A 331 -0.37 24.91 -6.59
C GLU A 331 0.84 24.69 -5.68
N THR A 332 1.63 23.63 -5.96
CA THR A 332 2.81 23.32 -5.16
C THR A 332 3.83 24.45 -5.31
N GLU A 333 4.10 24.85 -6.54
CA GLU A 333 5.07 25.91 -6.75
C GLU A 333 4.63 27.22 -6.09
N GLU A 334 3.33 27.51 -6.11
CA GLU A 334 2.81 28.68 -5.48
C GLU A 334 2.95 28.60 -3.95
N SER A 335 2.67 27.44 -3.38
CA SER A 335 2.74 27.27 -1.93
C SER A 335 4.18 27.49 -1.43
N ALA A 336 5.19 27.19 -2.26
CA ALA A 336 6.59 27.43 -1.90
C ALA A 336 6.86 28.91 -1.62
N VAL A 337 6.22 29.81 -2.39
CA VAL A 337 6.46 31.22 -2.18
C VAL A 337 5.95 31.63 -0.80
N LYS A 338 4.79 31.11 -0.42
CA LYS A 338 4.20 31.40 0.89
C LYS A 338 5.05 30.78 2.02
N LEU A 339 5.60 29.58 1.83
CA LEU A 339 6.51 29.04 2.85
C LEU A 339 7.77 29.88 2.96
N TYR A 340 8.31 30.30 1.82
CA TYR A 340 9.49 31.14 1.78
C TYR A 340 9.23 32.45 2.53
N GLU A 341 8.03 33.03 2.35
CA GLU A 341 7.65 34.24 3.08
C GLU A 341 7.71 33.98 4.59
N LEU A 342 7.17 32.84 5.04
CA LEU A 342 7.22 32.44 6.48
CA LEU A 342 7.21 32.46 6.48
C LEU A 342 8.66 32.36 6.97
N TYR A 343 9.50 31.68 6.21
CA TYR A 343 10.91 31.55 6.53
C TYR A 343 11.56 32.91 6.73
N CYS A 344 11.32 33.81 5.77
CA CYS A 344 11.88 35.15 5.82
C CYS A 344 11.40 35.90 7.07
N LYS A 345 10.13 35.75 7.43
CA LYS A 345 9.58 36.38 8.64
CA LYS A 345 9.57 36.39 8.64
C LYS A 345 10.28 35.84 9.89
N GLN A 346 10.65 34.56 9.87
CA GLN A 346 11.28 33.91 11.02
C GLN A 346 12.70 34.50 11.23
N LEU A 347 13.37 34.96 10.17
CA LEU A 347 14.74 35.48 10.30
C LEU A 347 14.76 36.77 11.12
N MET B 3 -26.72 -28.09 -6.04
CA MET B 3 -26.82 -26.80 -6.77
C MET B 3 -26.32 -25.66 -5.86
N VAL B 4 -25.56 -24.74 -6.43
CA VAL B 4 -25.18 -23.54 -5.72
C VAL B 4 -26.43 -22.67 -5.52
N SER B 5 -26.52 -22.00 -4.37
CA SER B 5 -27.65 -21.13 -4.03
C SER B 5 -27.29 -19.65 -4.27
N LEU B 6 -28.32 -18.83 -4.44
CA LEU B 6 -28.14 -17.37 -4.49
C LEU B 6 -27.41 -16.92 -3.22
N ALA B 7 -27.74 -17.52 -2.07
CA ALA B 7 -27.13 -17.14 -0.81
C ALA B 7 -25.61 -17.29 -0.85
N GLN B 8 -25.11 -18.29 -1.58
CA GLN B 8 -23.67 -18.51 -1.68
C GLN B 8 -23.00 -17.46 -2.58
N VAL B 9 -23.67 -17.12 -3.68
CA VAL B 9 -23.10 -16.14 -4.59
C VAL B 9 -23.12 -14.76 -3.92
N ARG B 10 -24.27 -14.39 -3.32
CA ARG B 10 -24.34 -13.16 -2.54
C ARG B 10 -23.28 -13.16 -1.41
N GLY B 11 -23.18 -14.27 -0.68
CA GLY B 11 -22.21 -14.34 0.38
C GLY B 11 -20.80 -14.09 -0.10
N ALA B 12 -20.43 -14.72 -1.21
CA ALA B 12 -19.06 -14.61 -1.71
C ALA B 12 -18.75 -13.15 -2.07
N LEU B 13 -19.65 -12.49 -2.82
CA LEU B 13 -19.33 -11.16 -3.27
C LEU B 13 -19.37 -10.16 -2.12
N CYS B 14 -20.31 -10.34 -1.20
CA CYS B 14 -20.38 -9.44 -0.07
C CYS B 14 -19.22 -9.69 0.89
N GLY B 15 -18.80 -10.96 1.04
CA GLY B 15 -17.61 -11.26 1.83
C GLY B 15 -16.35 -10.64 1.24
N ALA B 16 -16.23 -10.65 -0.07
CA ALA B 16 -15.12 -9.99 -0.74
C ALA B 16 -15.17 -8.47 -0.47
N LEU B 17 -16.36 -7.88 -0.60
CA LEU B 17 -16.48 -6.45 -0.39
C LEU B 17 -16.14 -6.09 1.06
N LEU B 18 -16.67 -6.84 2.02
CA LEU B 18 -16.36 -6.60 3.44
C LEU B 18 -14.87 -6.70 3.67
N GLY B 19 -14.22 -7.74 3.11
CA GLY B 19 -12.80 -7.88 3.33
C GLY B 19 -11.98 -6.72 2.80
N ASP B 20 -12.36 -6.23 1.64
CA ASP B 20 -11.65 -5.08 1.05
C ASP B 20 -11.91 -3.85 1.92
N CYS B 21 -13.18 -3.55 2.16
CA CYS B 21 -13.57 -2.30 2.85
C CYS B 21 -12.99 -2.29 4.27
N MET B 22 -13.06 -3.42 4.96
CA MET B 22 -12.63 -3.48 6.33
C MET B 22 -11.12 -3.63 6.42
N GLY B 23 -10.47 -4.35 5.50
CA GLY B 23 -9.05 -4.54 5.51
C GLY B 23 -8.30 -3.29 5.09
N ALA B 24 -8.94 -2.45 4.27
CA ALA B 24 -8.20 -1.35 3.65
C ALA B 24 -7.60 -0.42 4.70
N GLU B 25 -8.29 -0.16 5.81
CA GLU B 25 -7.80 0.84 6.70
C GLU B 25 -6.53 0.34 7.40
N PHE B 26 -6.28 -0.96 7.44
CA PHE B 26 -5.11 -1.50 8.15
C PHE B 26 -3.93 -1.80 7.23
N GLU B 27 -4.08 -1.52 5.94
CA GLU B 27 -3.14 -1.96 4.90
CA GLU B 27 -3.14 -2.01 4.95
C GLU B 27 -1.73 -1.48 5.23
N GLY B 28 -0.76 -2.37 5.15
CA GLY B 28 0.64 -1.97 5.28
C GLY B 28 1.21 -2.14 6.67
N SER B 29 0.35 -2.29 7.69
CA SER B 29 0.74 -2.52 9.08
C SER B 29 1.59 -3.81 9.13
N ASP B 30 2.87 -3.78 9.50
CA ASP B 30 3.70 -4.99 9.58
CA ASP B 30 3.70 -4.99 9.59
C ASP B 30 3.16 -5.90 10.69
N ALA B 31 2.64 -5.28 11.74
CA ALA B 31 2.05 -6.01 12.82
C ALA B 31 0.77 -5.28 13.22
N VAL B 32 -0.35 -5.97 13.09
CA VAL B 32 -1.61 -5.41 13.50
C VAL B 32 -1.92 -5.89 14.91
N GLU B 33 -2.45 -5.00 15.74
CA GLU B 33 -2.87 -5.35 17.10
C GLU B 33 -4.32 -5.81 17.01
N LEU B 34 -4.58 -7.08 17.40
CA LEU B 34 -5.94 -7.56 17.33
C LEU B 34 -6.89 -6.68 18.13
N PRO B 35 -6.52 -6.12 19.31
CA PRO B 35 -7.44 -5.20 19.98
C PRO B 35 -7.95 -4.08 19.07
N ASP B 36 -7.09 -3.58 18.17
CA ASP B 36 -7.50 -2.50 17.30
C ASP B 36 -8.57 -2.99 16.30
N VAL B 37 -8.41 -4.23 15.85
CA VAL B 37 -9.34 -4.82 14.88
C VAL B 37 -10.71 -5.02 15.57
N LEU B 38 -10.68 -5.55 16.78
CA LEU B 38 -11.93 -5.79 17.49
C LEU B 38 -12.61 -4.46 17.86
N GLU B 39 -11.84 -3.43 18.24
CA GLU B 39 -12.40 -2.09 18.50
CA GLU B 39 -12.38 -2.07 18.50
C GLU B 39 -13.07 -1.55 17.23
N PHE B 40 -12.39 -1.70 16.09
CA PHE B 40 -12.88 -1.24 14.81
C PHE B 40 -14.21 -1.91 14.49
N VAL B 41 -14.31 -3.21 14.67
CA VAL B 41 -15.54 -3.93 14.40
C VAL B 41 -16.68 -3.39 15.28
N ARG B 42 -16.41 -3.16 16.56
CA ARG B 42 -17.49 -2.68 17.44
C ARG B 42 -17.96 -1.29 17.02
N LEU B 43 -17.03 -0.42 16.60
CA LEU B 43 -17.37 0.93 16.17
C LEU B 43 -18.19 0.87 14.88
N LEU B 44 -17.75 0.00 13.98
CA LEU B 44 -18.42 -0.19 12.74
CA LEU B 44 -18.42 -0.24 12.71
C LEU B 44 -19.90 -0.56 12.98
N GLU B 45 -20.12 -1.46 13.92
CA GLU B 45 -21.46 -1.94 14.25
C GLU B 45 -22.35 -0.82 14.82
N LYS B 46 -21.76 0.16 15.50
CA LYS B 46 -22.48 1.27 16.16
C LYS B 46 -22.60 2.48 15.24
N GLU B 47 -21.95 2.46 14.07
CA GLU B 47 -21.88 3.65 13.23
C GLU B 47 -23.27 3.96 12.69
N LYS B 48 -23.73 5.20 12.92
CA LYS B 48 -25.08 5.59 12.53
C LYS B 48 -25.18 5.71 11.01
N LYS B 49 -24.14 6.30 10.38
CA LYS B 49 -24.11 6.52 8.94
CA LYS B 49 -24.08 6.52 8.94
C LYS B 49 -23.76 5.20 8.23
N ALA B 50 -24.41 4.97 7.09
CA ALA B 50 -24.13 3.80 6.24
C ALA B 50 -22.98 4.14 5.27
N GLY B 51 -22.29 3.10 4.80
CA GLY B 51 -21.36 3.23 3.67
C GLY B 51 -20.14 4.08 3.99
N THR B 52 -19.61 4.00 5.21
CA THR B 52 -18.52 4.84 5.57
C THR B 52 -17.18 4.21 5.19
N LEU B 53 -17.14 2.92 4.82
CA LEU B 53 -15.88 2.27 4.46
C LEU B 53 -15.78 2.19 2.94
N PHE B 54 -14.77 2.83 2.37
CA PHE B 54 -14.60 2.90 0.95
C PHE B 54 -13.85 1.67 0.44
N TYR B 55 -14.22 1.21 -0.76
CA TYR B 55 -13.54 0.09 -1.34
C TYR B 55 -12.28 0.56 -2.08
N THR B 56 -11.46 -0.41 -2.50
CA THR B 56 -10.19 -0.09 -3.17
C THR B 56 -10.15 -0.71 -4.57
N ASP B 57 -8.94 -0.79 -5.12
CA ASP B 57 -8.73 -1.43 -6.42
C ASP B 57 -9.26 -2.88 -6.42
N ASP B 58 -9.26 -3.56 -5.28
CA ASP B 58 -9.68 -4.94 -5.28
C ASP B 58 -11.13 -5.06 -5.76
N THR B 59 -11.98 -4.23 -5.17
CA THR B 59 -13.39 -4.20 -5.54
C THR B 59 -13.59 -3.54 -6.90
N ALA B 60 -12.86 -2.47 -7.20
CA ALA B 60 -13.00 -1.82 -8.51
C ALA B 60 -12.79 -2.86 -9.63
N MET B 61 -11.75 -3.68 -9.51
CA MET B 61 -11.48 -4.67 -10.54
CA MET B 61 -11.46 -4.68 -10.53
C MET B 61 -12.50 -5.81 -10.51
N THR B 62 -12.94 -6.21 -9.31
CA THR B 62 -14.01 -7.20 -9.17
C THR B 62 -15.24 -6.74 -9.97
N ARG B 63 -15.62 -5.48 -9.80
CA ARG B 63 -16.80 -4.93 -10.49
C ARG B 63 -16.60 -5.02 -11.99
N ALA B 64 -15.38 -4.75 -12.48
CA ALA B 64 -15.06 -4.84 -13.90
C ALA B 64 -15.15 -6.29 -14.41
N VAL B 65 -14.63 -7.25 -13.65
CA VAL B 65 -14.77 -8.66 -13.99
C VAL B 65 -16.25 -8.99 -14.18
N ILE B 66 -17.05 -8.61 -13.18
CA ILE B 66 -18.49 -8.97 -13.21
C ILE B 66 -19.18 -8.35 -14.43
N GLN B 67 -18.90 -7.08 -14.69
CA GLN B 67 -19.54 -6.42 -15.82
C GLN B 67 -19.17 -7.15 -17.12
N SER B 68 -17.92 -7.62 -17.23
CA SER B 68 -17.50 -8.33 -18.44
C SER B 68 -18.24 -9.68 -18.56
N LEU B 69 -18.33 -10.41 -17.46
CA LEU B 69 -18.99 -11.72 -17.47
C LEU B 69 -20.46 -11.56 -17.83
N ILE B 70 -21.11 -10.52 -17.32
CA ILE B 70 -22.55 -10.29 -17.63
C ILE B 70 -22.71 -9.96 -19.12
N ALA B 71 -21.85 -9.08 -19.65
CA ALA B 71 -21.94 -8.63 -21.05
C ALA B 71 -21.54 -9.76 -22.02
N LYS B 72 -20.53 -10.56 -21.63
CA LYS B 72 -19.95 -11.60 -22.48
C LYS B 72 -19.82 -12.88 -21.67
N PRO B 73 -20.94 -13.58 -21.43
CA PRO B 73 -20.97 -14.75 -20.54
C PRO B 73 -20.13 -15.94 -21.01
N ASP B 74 -19.71 -15.97 -22.27
CA ASP B 74 -18.85 -17.05 -22.75
C ASP B 74 -17.38 -16.75 -22.45
N PHE B 75 -17.11 -15.59 -21.85
CA PHE B 75 -15.77 -15.10 -21.46
C PHE B 75 -15.06 -14.46 -22.65
N ASP B 76 -14.89 -13.15 -22.56
CA ASP B 76 -14.26 -12.34 -23.62
C ASP B 76 -13.16 -11.49 -22.98
N GLU B 77 -11.91 -11.94 -23.10
CA GLU B 77 -10.76 -11.32 -22.46
CA GLU B 77 -10.76 -11.31 -22.45
C GLU B 77 -10.51 -9.92 -23.05
N VAL B 78 -10.91 -9.69 -24.30
CA VAL B 78 -10.74 -8.36 -24.89
C VAL B 78 -11.70 -7.36 -24.24
N ASP B 79 -12.96 -7.77 -24.07
CA ASP B 79 -13.93 -7.01 -23.35
C ASP B 79 -13.45 -6.74 -21.93
N MET B 80 -12.95 -7.78 -21.27
CA MET B 80 -12.56 -7.66 -19.86
C MET B 80 -11.38 -6.68 -19.71
N ALA B 81 -10.40 -6.77 -20.62
CA ALA B 81 -9.26 -5.85 -20.59
C ALA B 81 -9.73 -4.41 -20.73
N LYS B 82 -10.67 -4.16 -21.65
CA LYS B 82 -11.20 -2.85 -21.86
C LYS B 82 -11.87 -2.33 -20.57
N ARG B 83 -12.64 -3.18 -19.89
CA ARG B 83 -13.31 -2.78 -18.68
C ARG B 83 -12.29 -2.47 -17.58
N PHE B 84 -11.22 -3.26 -17.49
CA PHE B 84 -10.18 -2.97 -16.50
C PHE B 84 -9.61 -1.58 -16.74
N ALA B 85 -9.25 -1.30 -18.00
CA ALA B 85 -8.57 -0.08 -18.30
C ALA B 85 -9.51 1.14 -18.14
N GLU B 86 -10.77 0.97 -18.51
CA GLU B 86 -11.76 2.04 -18.40
CA GLU B 86 -11.80 2.00 -18.40
C GLU B 86 -12.11 2.29 -16.94
N GLU B 87 -12.13 1.25 -16.09
CA GLU B 87 -12.41 1.44 -14.68
C GLU B 87 -11.28 2.25 -14.01
N TYR B 88 -10.03 1.89 -14.32
CA TYR B 88 -8.87 2.64 -13.87
C TYR B 88 -9.03 4.12 -14.27
N LYS B 89 -9.32 4.36 -15.54
CA LYS B 89 -9.39 5.72 -16.06
C LYS B 89 -10.45 6.52 -15.31
N LYS B 90 -11.57 5.88 -14.97
CA LYS B 90 -12.66 6.54 -14.25
C LYS B 90 -12.26 6.89 -12.82
N GLU B 91 -11.63 5.95 -12.10
CA GLU B 91 -11.30 6.12 -10.72
C GLU B 91 -9.87 5.67 -10.48
N PRO B 92 -8.89 6.45 -10.93
CA PRO B 92 -7.48 6.04 -10.89
C PRO B 92 -6.82 6.00 -9.51
N THR B 93 -7.43 6.60 -8.48
CA THR B 93 -6.75 6.71 -7.17
C THR B 93 -7.22 5.60 -6.19
N ARG B 94 -7.89 4.56 -6.70
CA ARG B 94 -8.46 3.52 -5.82
C ARG B 94 -7.42 2.64 -5.11
N GLY B 95 -6.14 2.71 -5.50
CA GLY B 95 -5.10 2.01 -4.73
C GLY B 95 -4.27 1.03 -5.56
N TYR B 96 -4.23 1.21 -6.87
CA TYR B 96 -3.44 0.38 -7.76
C TYR B 96 -1.94 0.55 -7.40
N GLY B 97 -1.20 -0.53 -7.37
CA GLY B 97 0.23 -0.47 -7.15
C GLY B 97 0.96 -1.49 -8.01
N ALA B 98 2.21 -1.74 -7.62
CA ALA B 98 3.05 -2.78 -8.20
C ALA B 98 3.11 -2.68 -9.73
N GLY B 99 3.08 -1.43 -10.22
CA GLY B 99 3.28 -1.14 -11.61
C GLY B 99 2.07 -1.39 -12.50
N VAL B 100 0.93 -1.81 -11.94
CA VAL B 100 -0.16 -2.30 -12.78
C VAL B 100 -0.74 -1.20 -13.69
N VAL B 101 -0.66 0.06 -13.28
CA VAL B 101 -1.24 1.14 -14.07
C VAL B 101 -0.54 1.21 -15.43
N GLN B 102 0.72 0.79 -15.54
CA GLN B 102 1.38 0.82 -16.85
C GLN B 102 0.73 -0.16 -17.83
N VAL B 103 0.17 -1.27 -17.32
CA VAL B 103 -0.60 -2.17 -18.16
C VAL B 103 -1.85 -1.44 -18.67
N PHE B 104 -2.59 -0.78 -17.79
CA PHE B 104 -3.81 -0.09 -18.20
C PHE B 104 -3.50 1.02 -19.21
N LYS B 105 -2.42 1.76 -18.99
CA LYS B 105 -2.06 2.87 -19.90
C LYS B 105 -1.72 2.33 -21.28
N LYS B 106 -1.05 1.17 -21.33
CA LYS B 106 -0.74 0.51 -22.60
C LYS B 106 -2.03 -0.01 -23.27
N LEU B 107 -2.96 -0.60 -22.52
CA LEU B 107 -4.23 -1.06 -23.05
C LEU B 107 -5.03 0.12 -23.65
N LEU B 108 -4.93 1.30 -23.05
CA LEU B 108 -5.72 2.50 -23.46
C LEU B 108 -5.10 3.12 -24.71
N SER B 109 -3.82 2.81 -24.97
CA SER B 109 -3.11 3.37 -26.12
C SER B 109 -3.51 2.63 -27.38
N PRO B 110 -3.45 3.25 -28.56
CA PRO B 110 -3.70 2.53 -29.81
C PRO B 110 -2.58 1.54 -30.20
N LYS B 111 -1.44 1.57 -29.48
CA LYS B 111 -0.19 0.88 -29.92
C LYS B 111 -0.22 -0.63 -29.67
N TYR B 112 -1.12 -1.11 -28.80
CA TYR B 112 -1.16 -2.54 -28.47
C TYR B 112 -2.46 -3.13 -29.01
N SER B 113 -2.36 -4.23 -29.77
CA SER B 113 -3.54 -4.94 -30.28
C SER B 113 -3.73 -6.30 -29.58
N ASP B 114 -2.66 -6.85 -28.96
CA ASP B 114 -2.71 -8.09 -28.22
C ASP B 114 -2.95 -7.72 -26.76
N VAL B 115 -4.15 -8.00 -26.22
CA VAL B 115 -4.49 -7.47 -24.88
C VAL B 115 -3.63 -8.13 -23.81
N PHE B 116 -2.93 -9.22 -24.13
CA PHE B 116 -2.06 -9.90 -23.17
C PHE B 116 -0.63 -9.35 -23.18
N GLN B 117 -0.29 -8.56 -24.20
CA GLN B 117 1.12 -8.15 -24.38
C GLN B 117 1.57 -7.16 -23.30
N PRO B 118 0.80 -6.11 -22.93
CA PRO B 118 1.24 -5.21 -21.87
C PRO B 118 1.66 -5.98 -20.61
N ALA B 119 0.85 -6.96 -20.20
CA ALA B 119 1.19 -7.71 -18.98
C ALA B 119 2.51 -8.46 -19.11
N ARG B 120 2.79 -8.99 -20.31
CA ARG B 120 4.04 -9.70 -20.52
C ARG B 120 5.25 -8.78 -20.35
N GLU B 121 5.10 -7.47 -20.57
CA GLU B 121 6.22 -6.54 -20.55
C GLU B 121 6.58 -6.10 -19.12
N GLN B 122 5.72 -6.40 -18.13
CA GLN B 122 5.95 -5.99 -16.79
C GLN B 122 7.16 -6.73 -16.20
N PHE B 123 7.83 -6.10 -15.25
CA PHE B 123 8.95 -6.68 -14.50
CA PHE B 123 8.94 -6.71 -14.51
C PHE B 123 10.01 -7.16 -15.52
N ASP B 124 10.35 -6.24 -16.40
CA ASP B 124 11.37 -6.43 -17.45
C ASP B 124 11.11 -7.72 -18.22
N GLY B 125 9.84 -7.93 -18.57
CA GLY B 125 9.43 -9.05 -19.41
C GLY B 125 9.20 -10.35 -18.67
N LYS B 126 9.29 -10.35 -17.34
CA LYS B 126 9.05 -11.56 -16.56
C LYS B 126 7.59 -11.67 -16.10
N GLY B 127 6.89 -10.53 -16.10
CA GLY B 127 5.49 -10.51 -15.64
C GLY B 127 5.41 -10.29 -14.14
N SER B 128 4.26 -9.76 -13.73
CA SER B 128 3.96 -9.52 -12.31
C SER B 128 3.55 -10.82 -11.61
N TYR B 129 4.09 -10.98 -10.40
CA TYR B 129 3.72 -12.09 -9.53
C TYR B 129 2.91 -11.59 -8.34
N GLY B 130 2.36 -10.40 -8.44
CA GLY B 130 1.47 -9.84 -7.40
C GLY B 130 0.14 -10.58 -7.36
N ASN B 131 -0.68 -10.15 -6.40
CA ASN B 131 -1.93 -10.83 -6.11
C ASN B 131 -3.13 -10.15 -6.79
N GLY B 132 -2.91 -9.14 -7.65
CA GLY B 132 -3.98 -8.49 -8.30
C GLY B 132 -4.86 -9.34 -9.22
N GLY B 133 -4.27 -10.38 -9.84
CA GLY B 133 -5.09 -11.33 -10.59
C GLY B 133 -6.03 -12.10 -9.68
N ALA B 134 -5.54 -12.47 -8.50
CA ALA B 134 -6.30 -13.29 -7.55
C ALA B 134 -7.37 -12.47 -6.80
N MET B 135 -7.11 -11.18 -6.57
CA MET B 135 -7.98 -10.38 -5.69
C MET B 135 -9.38 -10.20 -6.33
N ARG B 136 -9.48 -10.38 -7.65
CA ARG B 136 -10.66 -10.07 -8.41
C ARG B 136 -11.26 -11.31 -9.06
N VAL B 137 -10.76 -12.49 -8.76
CA VAL B 137 -11.04 -13.67 -9.57
C VAL B 137 -12.25 -14.47 -9.05
N ALA B 138 -12.73 -14.21 -7.82
CA ALA B 138 -13.77 -15.02 -7.24
C ALA B 138 -14.97 -15.18 -8.19
N SER B 139 -15.35 -14.12 -8.88
CA SER B 139 -16.55 -14.13 -9.71
C SER B 139 -16.46 -15.20 -10.79
N ILE B 140 -15.24 -15.57 -11.22
CA ILE B 140 -15.09 -16.63 -12.22
C ILE B 140 -15.68 -17.93 -11.66
N ALA B 141 -15.40 -18.24 -10.41
CA ALA B 141 -15.92 -19.46 -9.81
C ALA B 141 -17.43 -19.35 -9.54
N LEU B 142 -17.94 -18.14 -9.39
CA LEU B 142 -19.38 -17.92 -9.18
C LEU B 142 -20.17 -17.99 -10.48
N ALA B 143 -19.52 -17.82 -11.61
CA ALA B 143 -20.22 -17.80 -12.92
C ALA B 143 -20.15 -19.16 -13.61
N TYR B 144 -19.09 -19.93 -13.40
CA TYR B 144 -18.80 -21.12 -14.20
C TYR B 144 -18.74 -22.33 -13.30
N PRO B 145 -19.75 -23.22 -13.32
CA PRO B 145 -19.73 -24.42 -12.47
C PRO B 145 -18.61 -25.42 -12.76
N ASN B 146 -18.18 -25.54 -14.02
CA ASN B 146 -17.23 -26.56 -14.45
C ASN B 146 -15.82 -26.15 -14.03
N ILE B 147 -15.14 -27.02 -13.29
CA ILE B 147 -13.80 -26.70 -12.80
C ILE B 147 -12.81 -26.37 -13.93
N GLN B 148 -12.93 -27.03 -15.10
CA GLN B 148 -11.93 -26.76 -16.13
CA GLN B 148 -12.03 -26.81 -16.22
C GLN B 148 -12.17 -25.35 -16.70
N ASP B 149 -13.42 -24.87 -16.71
CA ASP B 149 -13.69 -23.47 -17.10
C ASP B 149 -13.14 -22.50 -16.03
N VAL B 150 -13.34 -22.85 -14.77
CA VAL B 150 -12.82 -22.02 -13.68
C VAL B 150 -11.31 -21.85 -13.86
N ILE B 151 -10.59 -22.96 -14.08
CA ILE B 151 -9.13 -22.87 -14.18
C ILE B 151 -8.73 -22.00 -15.38
N LYS B 152 -9.34 -22.29 -16.55
CA LYS B 152 -8.85 -21.63 -17.75
C LYS B 152 -9.21 -20.14 -17.75
N PHE B 153 -10.40 -19.79 -17.23
CA PHE B 153 -10.79 -18.40 -17.24
C PHE B 153 -10.13 -17.65 -16.06
N ALA B 154 -9.88 -18.31 -14.93
CA ALA B 154 -9.09 -17.67 -13.87
C ALA B 154 -7.73 -17.29 -14.44
N ARG B 155 -7.09 -18.23 -15.15
CA ARG B 155 -5.75 -18.00 -15.68
C ARG B 155 -5.81 -16.82 -16.67
N ARG B 156 -6.73 -16.87 -17.63
CA ARG B 156 -6.77 -15.86 -18.68
C ARG B 156 -7.10 -14.48 -18.11
N SER B 157 -8.08 -14.42 -17.20
CA SER B 157 -8.41 -13.15 -16.57
C SER B 157 -7.18 -12.58 -15.84
N ALA B 158 -6.43 -13.43 -15.16
CA ALA B 158 -5.24 -12.98 -14.43
C ALA B 158 -4.17 -12.46 -15.39
N GLN B 159 -3.99 -13.17 -16.51
CA GLN B 159 -2.90 -12.85 -17.45
C GLN B 159 -3.10 -11.49 -18.12
N LEU B 160 -4.29 -10.90 -18.03
CA LEU B 160 -4.49 -9.53 -18.56
C LEU B 160 -3.60 -8.52 -17.82
N THR B 161 -3.22 -8.83 -16.57
CA THR B 161 -2.34 -7.91 -15.82
C THR B 161 -1.12 -8.62 -15.24
N HIS B 162 -1.20 -9.95 -15.01
CA HIS B 162 -0.23 -10.70 -14.22
C HIS B 162 0.23 -11.89 -15.03
N ALA B 163 1.36 -11.73 -15.74
CA ALA B 163 1.81 -12.71 -16.73
C ALA B 163 2.81 -13.72 -16.13
N SER B 164 3.34 -13.48 -14.92
CA SER B 164 4.19 -14.46 -14.28
C SER B 164 3.32 -15.66 -13.87
N PRO B 165 3.78 -16.90 -14.04
CA PRO B 165 3.06 -18.07 -13.54
C PRO B 165 2.73 -17.95 -12.05
N LEU B 166 3.57 -17.29 -11.28
CA LEU B 166 3.22 -17.12 -9.87
C LEU B 166 1.96 -16.27 -9.73
N GLY B 167 1.84 -15.23 -10.55
CA GLY B 167 0.65 -14.38 -10.54
C GLY B 167 -0.59 -15.12 -11.00
N TYR B 168 -0.52 -15.77 -12.15
CA TYR B 168 -1.72 -16.40 -12.69
C TYR B 168 -2.03 -17.71 -11.97
N ASN B 169 -1.04 -18.46 -11.50
CA ASN B 169 -1.34 -19.65 -10.73
C ASN B 169 -1.93 -19.27 -9.36
N GLY B 170 -1.53 -18.11 -8.82
CA GLY B 170 -2.15 -17.62 -7.60
C GLY B 170 -3.63 -17.35 -7.83
N ALA B 171 -3.98 -16.74 -8.96
CA ALA B 171 -5.36 -16.50 -9.30
C ALA B 171 -6.12 -17.80 -9.46
N ILE B 172 -5.51 -18.80 -10.13
CA ILE B 172 -6.18 -20.09 -10.27
C ILE B 172 -6.48 -20.67 -8.87
N LEU B 173 -5.49 -20.61 -7.97
CA LEU B 173 -5.67 -21.20 -6.65
C LEU B 173 -6.83 -20.52 -5.92
N GLN B 174 -6.88 -19.18 -5.98
CA GLN B 174 -7.94 -18.44 -5.34
C GLN B 174 -9.30 -18.81 -5.94
N ALA B 175 -9.38 -18.88 -7.27
CA ALA B 175 -10.62 -19.25 -7.94
C ALA B 175 -11.06 -20.67 -7.54
N LEU B 176 -10.09 -21.59 -7.42
CA LEU B 176 -10.39 -22.95 -7.00
C LEU B 176 -10.88 -22.97 -5.54
N ALA B 177 -10.31 -22.15 -4.68
CA ALA B 177 -10.78 -22.08 -3.30
C ALA B 177 -12.26 -21.69 -3.27
N VAL B 178 -12.63 -20.67 -4.03
CA VAL B 178 -14.04 -20.24 -4.10
C VAL B 178 -14.87 -21.38 -4.70
N HIS B 179 -14.39 -22.00 -5.78
CA HIS B 179 -15.08 -23.11 -6.41
C HIS B 179 -15.38 -24.23 -5.40
N PHE B 180 -14.40 -24.67 -4.65
CA PHE B 180 -14.59 -25.79 -3.69
C PHE B 180 -15.43 -25.33 -2.50
N ALA B 181 -15.39 -24.05 -2.14
CA ALA B 181 -16.24 -23.52 -1.06
C ALA B 181 -17.72 -23.60 -1.44
N LEU B 182 -18.02 -23.50 -2.75
CA LEU B 182 -19.40 -23.68 -3.25
C LEU B 182 -19.91 -25.13 -3.15
N GLN B 183 -19.04 -26.13 -3.02
CA GLN B 183 -19.43 -27.58 -2.99
C GLN B 183 -20.03 -27.99 -1.64
N GLY B 184 -21.21 -27.48 -1.31
CA GLY B 184 -21.70 -27.69 0.04
C GLY B 184 -20.69 -27.09 1.00
N GLU B 185 -20.57 -27.69 2.18
CA GLU B 185 -19.72 -27.23 3.22
C GLU B 185 -18.72 -28.36 3.48
N LEU B 186 -17.69 -28.43 2.63
CA LEU B 186 -16.66 -29.45 2.78
C LEU B 186 -16.02 -29.33 4.15
N LYS B 187 -15.61 -30.48 4.69
CA LYS B 187 -14.78 -30.46 5.84
C LYS B 187 -13.43 -29.82 5.51
N ARG B 188 -12.86 -29.16 6.51
CA ARG B 188 -11.57 -28.50 6.42
CA ARG B 188 -11.58 -28.49 6.40
C ARG B 188 -10.54 -29.35 5.66
N ASP B 189 -10.33 -30.59 6.09
CA ASP B 189 -9.22 -31.35 5.54
C ASP B 189 -9.53 -31.75 4.08
N THR B 190 -10.80 -31.97 3.75
CA THR B 190 -11.18 -32.29 2.38
C THR B 190 -10.95 -31.10 1.46
N PHE B 191 -11.28 -29.91 1.95
CA PHE B 191 -11.13 -28.69 1.20
C PHE B 191 -9.65 -28.52 0.83
N LEU B 192 -8.77 -28.68 1.82
CA LEU B 192 -7.36 -28.49 1.53
C LEU B 192 -6.85 -29.59 0.56
N GLU B 193 -7.30 -30.84 0.74
CA GLU B 193 -6.83 -31.90 -0.17
C GLU B 193 -7.30 -31.62 -1.61
N GLN B 194 -8.52 -31.08 -1.76
CA GLN B 194 -9.00 -30.73 -3.08
C GLN B 194 -8.04 -29.75 -3.75
N LEU B 195 -7.63 -28.71 -3.01
CA LEU B 195 -6.72 -27.71 -3.56
C LEU B 195 -5.35 -28.30 -3.88
N ILE B 196 -4.81 -29.11 -2.98
CA ILE B 196 -3.50 -29.72 -3.21
C ILE B 196 -3.57 -30.61 -4.46
N GLY B 197 -4.63 -31.42 -4.57
CA GLY B 197 -4.81 -32.27 -5.74
C GLY B 197 -4.79 -31.50 -7.05
N GLU B 198 -5.50 -30.37 -7.10
CA GLU B 198 -5.53 -29.59 -8.32
C GLU B 198 -4.19 -28.90 -8.57
N MET B 199 -3.58 -28.29 -7.55
CA MET B 199 -2.39 -27.50 -7.79
C MET B 199 -1.19 -28.40 -8.13
N GLU B 200 -1.19 -29.64 -7.64
CA GLU B 200 -0.12 -30.60 -8.02
CA GLU B 200 -0.08 -30.52 -8.02
C GLU B 200 -0.13 -30.76 -9.53
N ARG B 201 -1.33 -30.90 -10.10
CA ARG B 201 -1.45 -31.12 -11.54
CA ARG B 201 -1.52 -31.09 -11.55
C ARG B 201 -1.11 -29.83 -12.29
N ILE B 202 -1.62 -28.69 -11.81
CA ILE B 202 -1.43 -27.43 -12.49
C ILE B 202 0.04 -26.98 -12.44
N GLU B 203 0.70 -27.12 -11.30
CA GLU B 203 2.09 -26.70 -11.19
C GLU B 203 3.04 -27.76 -11.74
N GLY B 204 2.64 -29.02 -11.68
CA GLY B 204 3.51 -30.18 -12.01
C GLY B 204 3.33 -30.65 -13.44
N LYS B 222 9.71 -26.02 -7.19
CA LYS B 222 9.13 -26.41 -8.49
C LYS B 222 7.60 -26.35 -8.40
N LEU B 223 7.04 -26.61 -7.22
CA LEU B 223 5.60 -26.51 -6.97
C LEU B 223 5.43 -25.55 -5.80
N PRO B 224 5.67 -24.25 -6.01
CA PRO B 224 5.63 -23.28 -4.92
C PRO B 224 4.29 -23.18 -4.20
N PHE B 225 3.18 -23.14 -4.93
CA PHE B 225 1.87 -23.06 -4.23
C PHE B 225 1.60 -24.35 -3.47
N CYS B 226 1.91 -25.49 -4.09
CA CYS B 226 1.69 -26.77 -3.44
CA CYS B 226 1.69 -26.76 -3.45
C CYS B 226 2.47 -26.84 -2.14
N SER B 227 3.70 -26.33 -2.14
CA SER B 227 4.55 -26.34 -0.94
CA SER B 227 4.55 -26.32 -0.95
CA SER B 227 4.55 -26.32 -0.95
C SER B 227 3.90 -25.51 0.17
N ARG B 228 3.32 -24.35 -0.19
CA ARG B 228 2.66 -23.53 0.84
C ARG B 228 1.40 -24.25 1.35
N LEU B 229 0.64 -24.91 0.47
CA LEU B 229 -0.55 -25.66 0.91
C LEU B 229 -0.14 -26.78 1.87
N LYS B 230 1.01 -27.40 1.63
CA LYS B 230 1.46 -28.47 2.51
CA LYS B 230 1.55 -28.45 2.47
C LYS B 230 1.86 -27.89 3.87
N LYS B 231 2.43 -26.68 3.88
CA LYS B 231 2.72 -26.00 5.15
CA LYS B 231 2.72 -26.00 5.15
C LYS B 231 1.42 -25.72 5.90
N ILE B 232 0.37 -25.29 5.16
CA ILE B 232 -0.93 -25.10 5.77
C ILE B 232 -1.39 -26.39 6.46
N LYS B 233 -1.25 -27.52 5.76
CA LYS B 233 -1.66 -28.82 6.31
C LYS B 233 -0.98 -29.04 7.66
N GLU B 234 0.32 -28.74 7.71
CA GLU B 234 1.13 -28.94 8.93
C GLU B 234 0.60 -28.02 10.05
N PHE B 235 0.35 -26.75 9.71
CA PHE B 235 -0.11 -25.78 10.69
C PHE B 235 -1.48 -26.19 11.26
N LEU B 236 -2.37 -26.67 10.40
CA LEU B 236 -3.72 -27.00 10.83
C LEU B 236 -3.68 -28.23 11.75
N ALA B 237 -2.65 -29.06 11.60
CA ALA B 237 -2.48 -30.26 12.46
C ALA B 237 -1.92 -29.87 13.84
N SER B 238 -1.39 -28.66 13.98
CA SER B 238 -0.85 -28.15 15.24
C SER B 238 -1.93 -27.36 15.99
N SER B 239 -1.63 -26.99 17.24
CA SER B 239 -2.52 -26.22 18.08
C SER B 239 -1.83 -24.90 18.46
N ASN B 240 -2.61 -23.81 18.55
CA ASN B 240 -2.17 -22.52 19.09
C ASN B 240 -0.91 -22.03 18.36
N VAL B 241 -1.00 -22.03 17.03
CA VAL B 241 0.10 -21.55 16.22
C VAL B 241 0.15 -20.03 16.34
N PRO B 242 1.27 -19.42 16.76
CA PRO B 242 1.38 -17.96 16.82
C PRO B 242 1.23 -17.32 15.44
N LYS B 243 0.53 -16.17 15.39
CA LYS B 243 0.35 -15.44 14.14
CA LYS B 243 0.33 -15.42 14.15
C LYS B 243 1.73 -15.16 13.53
N ALA B 244 2.76 -14.92 14.35
CA ALA B 244 4.08 -14.59 13.78
C ALA B 244 4.67 -15.75 12.97
N ASP B 245 4.38 -17.00 13.35
CA ASP B 245 4.84 -18.16 12.62
C ASP B 245 4.10 -18.29 11.28
N ILE B 246 2.79 -18.03 11.31
CA ILE B 246 1.99 -17.99 10.06
C ILE B 246 2.60 -16.96 9.10
N VAL B 247 2.83 -15.73 9.59
CA VAL B 247 3.34 -14.67 8.73
C VAL B 247 4.74 -15.06 8.23
N ASP B 248 5.56 -15.63 9.11
CA ASP B 248 6.94 -15.95 8.71
C ASP B 248 6.97 -17.01 7.61
N GLU B 249 6.10 -18.03 7.67
CA GLU B 249 6.16 -19.15 6.74
C GLU B 249 5.26 -18.94 5.51
N LEU B 250 4.09 -18.33 5.68
CA LEU B 250 3.18 -18.19 4.54
C LEU B 250 3.28 -16.80 3.93
N GLY B 251 3.58 -15.78 4.73
CA GLY B 251 3.70 -14.42 4.22
C GLY B 251 2.41 -13.64 4.42
N HIS B 252 2.52 -12.32 4.22
CA HIS B 252 1.35 -11.45 4.23
C HIS B 252 1.57 -10.30 3.24
N GLY B 253 2.20 -10.61 2.11
CA GLY B 253 2.66 -9.63 1.17
C GLY B 253 1.77 -9.52 -0.05
N ILE B 254 2.16 -8.59 -0.94
CA ILE B 254 1.43 -8.39 -2.19
CA ILE B 254 1.55 -8.33 -2.23
C ILE B 254 1.71 -9.53 -3.18
N ALA B 255 2.81 -10.26 -3.02
CA ALA B 255 3.07 -11.40 -3.90
C ALA B 255 1.93 -12.42 -3.75
N ALA B 256 1.46 -12.97 -4.86
CA ALA B 256 0.41 -14.00 -4.79
C ALA B 256 0.84 -15.16 -3.91
N LEU B 257 2.09 -15.57 -4.00
CA LEU B 257 2.57 -16.72 -3.23
C LEU B 257 2.51 -16.45 -1.72
N GLU B 258 2.59 -15.18 -1.31
N GLU B 258 2.57 -15.17 -1.34
CA GLU B 258 2.63 -14.75 0.09
CA GLU B 258 2.64 -14.64 0.04
C GLU B 258 1.30 -14.16 0.56
C GLU B 258 1.29 -14.12 0.54
N SER B 259 0.22 -14.33 -0.22
CA SER B 259 -1.10 -13.84 0.18
C SER B 259 -2.22 -14.83 -0.12
N VAL B 260 -2.20 -15.53 -1.26
CA VAL B 260 -3.31 -16.42 -1.57
C VAL B 260 -3.32 -17.58 -0.58
N PRO B 261 -2.20 -18.31 -0.35
CA PRO B 261 -2.24 -19.32 0.70
C PRO B 261 -2.59 -18.77 2.08
N THR B 262 -2.12 -17.57 2.40
CA THR B 262 -2.43 -16.99 3.71
C THR B 262 -3.93 -16.77 3.86
N ALA B 263 -4.59 -16.31 2.79
CA ALA B 263 -6.05 -16.13 2.81
C ALA B 263 -6.75 -17.46 3.00
N ILE B 264 -6.27 -18.49 2.31
CA ILE B 264 -6.85 -19.83 2.43
C ILE B 264 -6.64 -20.34 3.85
N TYR B 265 -5.45 -20.15 4.42
CA TYR B 265 -5.16 -20.54 5.79
C TYR B 265 -6.14 -19.86 6.74
N SER B 266 -6.37 -18.55 6.52
CA SER B 266 -7.25 -17.80 7.40
CA SER B 266 -7.24 -17.81 7.39
C SER B 266 -8.65 -18.45 7.39
N PHE B 267 -9.17 -18.72 6.19
CA PHE B 267 -10.49 -19.37 6.05
C PHE B 267 -10.50 -20.72 6.78
N LEU B 268 -9.49 -21.56 6.51
CA LEU B 268 -9.50 -22.94 7.10
C LEU B 268 -9.35 -22.89 8.63
N HIS B 269 -8.46 -22.02 9.12
CA HIS B 269 -8.27 -21.84 10.55
C HIS B 269 -9.58 -21.45 11.23
N CYS B 270 -10.34 -20.56 10.59
CA CYS B 270 -11.52 -19.96 11.21
C CYS B 270 -12.80 -20.81 11.08
N MET B 271 -12.69 -21.97 10.48
CA MET B 271 -13.75 -22.97 10.54
CA MET B 271 -13.73 -23.00 10.53
C MET B 271 -13.96 -23.46 11.99
N GLU B 272 -12.95 -23.28 12.87
CA GLU B 272 -13.09 -23.56 14.30
CA GLU B 272 -13.02 -23.58 14.30
C GLU B 272 -12.85 -22.28 15.13
N SER B 273 -13.26 -22.35 16.40
CA SER B 273 -13.06 -21.25 17.32
CA SER B 273 -13.05 -21.28 17.36
C SER B 273 -11.57 -20.90 17.39
N ASP B 274 -11.32 -19.58 17.51
CA ASP B 274 -9.98 -19.06 17.73
C ASP B 274 -9.98 -18.48 19.13
N PRO B 275 -9.01 -18.84 19.99
CA PRO B 275 -9.05 -18.40 21.38
C PRO B 275 -9.07 -16.89 21.57
N ASP B 276 -8.55 -16.12 20.61
CA ASP B 276 -8.45 -14.68 20.77
C ASP B 276 -9.67 -13.96 20.23
N ILE B 277 -10.55 -14.63 19.45
CA ILE B 277 -11.66 -13.93 18.79
C ILE B 277 -12.95 -14.42 19.43
N PRO B 278 -13.74 -13.53 20.07
CA PRO B 278 -14.96 -13.99 20.72
C PRO B 278 -15.82 -14.88 19.82
N ASP B 279 -16.42 -15.92 20.40
CA ASP B 279 -17.23 -16.86 19.67
C ASP B 279 -18.58 -16.26 19.29
N LEU B 280 -18.90 -15.04 19.74
CA LEU B 280 -20.15 -14.43 19.32
C LEU B 280 -20.03 -13.92 17.89
N TYR B 281 -18.81 -13.86 17.34
CA TYR B 281 -18.65 -13.55 15.90
C TYR B 281 -18.91 -14.85 15.14
N ASN B 282 -19.60 -14.75 14.00
CA ASN B 282 -19.82 -15.94 13.19
C ASN B 282 -18.52 -16.29 12.46
N ASN B 283 -18.51 -17.41 11.75
CA ASN B 283 -17.26 -17.87 11.14
CA ASN B 283 -17.28 -17.89 11.15
C ASN B 283 -16.76 -16.91 10.07
N LEU B 284 -17.67 -16.30 9.28
CA LEU B 284 -17.22 -15.38 8.27
C LEU B 284 -16.58 -14.15 8.92
N GLN B 285 -17.22 -13.63 9.98
CA GLN B 285 -16.72 -12.48 10.69
C GLN B 285 -15.36 -12.82 11.31
N ARG B 286 -15.26 -14.00 11.93
CA ARG B 286 -14.01 -14.48 12.48
C ARG B 286 -12.91 -14.49 11.39
N THR B 287 -13.24 -15.02 10.22
CA THR B 287 -12.33 -15.11 9.09
C THR B 287 -11.78 -13.73 8.74
N ILE B 288 -12.67 -12.75 8.62
CA ILE B 288 -12.22 -11.39 8.26
C ILE B 288 -11.36 -10.79 9.36
N ILE B 289 -11.77 -10.94 10.61
CA ILE B 289 -11.01 -10.39 11.75
C ILE B 289 -9.60 -11.01 11.77
N TYR B 290 -9.56 -12.33 11.67
CA TYR B 290 -8.28 -13.05 11.73
C TYR B 290 -7.39 -12.67 10.55
N SER B 291 -7.96 -12.60 9.36
CA SER B 291 -7.21 -12.18 8.18
C SER B 291 -6.52 -10.85 8.41
N ILE B 292 -7.31 -9.87 8.84
CA ILE B 292 -6.78 -8.52 9.05
C ILE B 292 -5.69 -8.57 10.12
N SER B 293 -5.88 -9.41 11.15
CA SER B 293 -4.94 -9.48 12.26
C SER B 293 -3.56 -9.97 11.83
N LEU B 294 -3.44 -10.61 10.67
CA LEU B 294 -2.16 -11.08 10.17
C LEU B 294 -1.31 -9.94 9.58
N GLY B 295 -1.91 -8.79 9.37
CA GLY B 295 -1.19 -7.60 8.91
C GLY B 295 -0.72 -7.70 7.46
N GLY B 296 0.16 -6.77 7.09
CA GLY B 296 0.65 -6.72 5.71
C GLY B 296 -0.41 -6.22 4.76
N ASP B 297 -0.66 -7.01 3.71
CA ASP B 297 -1.60 -6.70 2.68
C ASP B 297 -3.00 -7.11 3.14
N THR B 298 -3.49 -6.42 4.16
CA THR B 298 -4.72 -6.81 4.83
C THR B 298 -5.95 -6.71 3.93
N ASP B 299 -6.16 -5.69 3.06
N ASP B 299 -5.89 -5.73 3.07
CA ASP B 299 -7.43 -5.70 2.26
CA ASP B 299 -6.84 -5.47 2.13
C ASP B 299 -7.36 -6.83 1.23
C ASP B 299 -7.19 -6.73 1.33
N THR B 300 -6.18 -7.18 0.64
CA THR B 300 -6.30 -8.26 -0.35
C THR B 300 -6.40 -9.61 0.35
N ILE B 301 -5.65 -9.83 1.44
CA ILE B 301 -5.81 -11.10 2.15
C ILE B 301 -7.25 -11.23 2.65
N ALA B 302 -7.82 -10.18 3.24
CA ALA B 302 -9.18 -10.28 3.75
C ALA B 302 -10.22 -10.36 2.62
N THR B 303 -9.98 -9.68 1.48
CA THR B 303 -10.97 -9.78 0.39
C THR B 303 -11.01 -11.20 -0.17
N MET B 304 -9.84 -11.88 -0.19
CA MET B 304 -9.78 -13.23 -0.75
C MET B 304 -10.33 -14.25 0.26
N ALA B 305 -9.95 -14.09 1.53
CA ALA B 305 -10.50 -14.98 2.58
C ALA B 305 -12.01 -14.78 2.70
N GLY B 306 -12.43 -13.50 2.60
CA GLY B 306 -13.86 -13.16 2.70
C GLY B 306 -14.67 -13.76 1.58
N ALA B 307 -14.13 -13.75 0.35
CA ALA B 307 -14.81 -14.36 -0.80
C ALA B 307 -15.01 -15.85 -0.57
N ILE B 308 -13.96 -16.53 -0.08
CA ILE B 308 -14.05 -17.98 0.17
C ILE B 308 -15.07 -18.24 1.28
N ALA B 309 -14.94 -17.52 2.39
CA ALA B 309 -15.86 -17.72 3.52
C ALA B 309 -17.30 -17.43 3.08
N GLY B 310 -17.50 -16.39 2.29
CA GLY B 310 -18.83 -16.02 1.84
C GLY B 310 -19.46 -17.12 1.01
N ALA B 311 -18.68 -17.71 0.10
CA ALA B 311 -19.12 -18.82 -0.74
C ALA B 311 -19.50 -20.02 0.13
N TYR B 312 -18.73 -20.22 1.18
CA TYR B 312 -18.83 -21.41 2.02
C TYR B 312 -20.04 -21.32 2.94
N TYR B 313 -20.13 -20.23 3.72
CA TYR B 313 -21.13 -20.08 4.75
C TYR B 313 -22.38 -19.40 4.21
N GLY B 314 -22.24 -18.62 3.14
CA GLY B 314 -23.36 -17.93 2.53
C GLY B 314 -23.72 -16.65 3.22
N MET B 315 -24.71 -15.97 2.63
CA MET B 315 -25.13 -14.65 3.00
C MET B 315 -25.71 -14.61 4.42
N ASP B 316 -26.14 -15.75 4.97
CA ASP B 316 -26.61 -15.80 6.34
C ASP B 316 -25.56 -15.26 7.33
N GLN B 317 -24.25 -15.32 6.96
CA GLN B 317 -23.23 -14.84 7.86
C GLN B 317 -22.73 -13.43 7.53
N VAL B 318 -23.34 -12.82 6.53
CA VAL B 318 -23.05 -11.46 6.21
C VAL B 318 -24.11 -10.62 6.90
N THR B 319 -23.75 -10.02 8.02
CA THR B 319 -24.78 -9.45 8.89
C THR B 319 -25.16 -8.05 8.43
N PRO B 320 -26.39 -7.61 8.72
CA PRO B 320 -26.79 -6.26 8.36
C PRO B 320 -25.85 -5.17 8.87
N SER B 321 -25.38 -5.28 10.12
CA SER B 321 -24.57 -4.21 10.69
C SER B 321 -23.19 -4.15 10.02
N TRP B 322 -22.70 -5.29 9.54
CA TRP B 322 -21.42 -5.28 8.85
C TRP B 322 -21.57 -4.74 7.43
N LYS B 323 -22.53 -5.28 6.69
CA LYS B 323 -22.56 -4.99 5.25
C LYS B 323 -22.95 -3.53 5.01
N ARG B 324 -23.75 -2.95 5.91
CA ARG B 324 -24.24 -1.59 5.67
C ARG B 324 -23.10 -0.57 5.72
N SER B 325 -21.94 -0.99 6.26
CA SER B 325 -20.76 -0.17 6.42
CA SER B 325 -20.75 -0.17 6.42
C SER B 325 -20.05 0.06 5.08
N CYS B 326 -20.33 -0.78 4.09
CA CYS B 326 -19.49 -0.83 2.89
C CYS B 326 -20.04 -0.01 1.74
N GLU B 327 -19.16 0.79 1.13
CA GLU B 327 -19.45 1.43 -0.14
C GLU B 327 -19.92 0.37 -1.14
N ALA B 328 -21.01 0.69 -1.86
CA ALA B 328 -21.48 -0.11 -3.01
C ALA B 328 -22.06 -1.45 -2.56
N ILE B 329 -22.51 -1.58 -1.31
CA ILE B 329 -23.09 -2.85 -0.89
C ILE B 329 -24.34 -3.17 -1.74
N VAL B 330 -25.22 -2.19 -1.98
CA VAL B 330 -26.43 -2.53 -2.71
C VAL B 330 -26.10 -2.97 -4.14
N GLU B 331 -25.19 -2.27 -4.82
CA GLU B 331 -24.77 -2.65 -6.16
C GLU B 331 -24.11 -4.04 -6.16
N THR B 332 -23.38 -4.38 -5.08
CA THR B 332 -22.76 -5.68 -4.96
C THR B 332 -23.84 -6.76 -4.87
N GLU B 333 -24.83 -6.55 -4.02
CA GLU B 333 -25.92 -7.55 -3.91
C GLU B 333 -26.64 -7.71 -5.25
N GLU B 334 -26.86 -6.60 -5.95
CA GLU B 334 -27.50 -6.65 -7.24
C GLU B 334 -26.65 -7.47 -8.22
N SER B 335 -25.34 -7.24 -8.23
CA SER B 335 -24.44 -7.96 -9.13
C SER B 335 -24.41 -9.46 -8.81
N ALA B 336 -24.59 -9.83 -7.54
CA ALA B 336 -24.65 -11.26 -7.16
C ALA B 336 -25.86 -11.92 -7.82
N VAL B 337 -26.99 -11.23 -7.84
CA VAL B 337 -28.20 -11.80 -8.45
C VAL B 337 -27.92 -12.07 -9.94
N LYS B 338 -27.26 -11.11 -10.61
CA LYS B 338 -26.93 -11.26 -12.03
C LYS B 338 -25.91 -12.40 -12.24
N LEU B 339 -24.92 -12.54 -11.36
CA LEU B 339 -23.95 -13.64 -11.50
C LEU B 339 -24.65 -14.98 -11.31
N TYR B 340 -25.56 -15.04 -10.33
CA TYR B 340 -26.29 -16.26 -10.07
C TYR B 340 -27.11 -16.66 -11.31
N GLU B 341 -27.69 -15.68 -12.00
CA GLU B 341 -28.42 -15.96 -13.25
C GLU B 341 -27.46 -16.63 -14.26
N LEU B 342 -26.24 -16.10 -14.39
CA LEU B 342 -25.23 -16.65 -15.30
CA LEU B 342 -25.26 -16.66 -15.32
C LEU B 342 -24.91 -18.10 -14.93
N TYR B 343 -24.67 -18.34 -13.64
CA TYR B 343 -24.34 -19.67 -13.15
C TYR B 343 -25.44 -20.65 -13.55
N CYS B 344 -26.68 -20.24 -13.28
CA CYS B 344 -27.83 -21.10 -13.54
C CYS B 344 -27.95 -21.42 -15.03
N LYS B 345 -27.68 -20.44 -15.89
CA LYS B 345 -27.72 -20.64 -17.35
CA LYS B 345 -27.74 -20.67 -17.33
C LYS B 345 -26.62 -21.63 -17.77
N GLN B 346 -25.47 -21.61 -17.10
CA GLN B 346 -24.37 -22.51 -17.43
C GLN B 346 -24.77 -23.98 -17.15
N LEU B 347 -25.63 -24.23 -16.15
CA LEU B 347 -26.00 -25.61 -15.76
C LEU B 347 -26.79 -26.29 -16.88
MG MG C . 1.20 7.30 -0.33
C1 CIT D . -0.08 8.05 6.25
O1 CIT D . -0.99 8.47 5.43
O2 CIT D . -0.04 8.48 7.44
C2 CIT D . 0.87 6.98 5.80
C3 CIT D . 0.57 5.67 6.54
O7 CIT D . -0.84 5.45 6.43
C4 CIT D . 1.31 4.51 5.97
C5 CIT D . 0.63 3.81 4.81
O3 CIT D . 0.38 4.48 3.79
O4 CIT D . 0.34 2.55 4.88
C6 CIT D . 0.96 5.78 8.02
O5 CIT D . 0.05 5.64 8.82
O6 CIT D . 2.14 5.85 8.44
C ACT E . -10.08 12.71 24.85
O ACT E . -10.22 13.37 23.81
OXT ACT E . -9.35 13.11 25.78
CH3 ACT E . -10.77 11.39 24.97
C ACT F . 15.95 14.34 -19.17
O ACT F . 14.96 14.25 -18.42
OXT ACT F . 17.08 14.53 -18.69
CH3 ACT F . 15.76 14.26 -20.67
C ACT G . 10.11 4.05 -24.80
O ACT G . 10.83 5.07 -24.75
OXT ACT G . 10.26 3.10 -24.00
CH3 ACT G . 9.04 3.96 -25.86
C ACT H . 22.27 28.12 1.26
O ACT H . 21.38 28.33 0.40
OXT ACT H . 22.00 27.87 2.47
CH3 ACT H . 23.72 28.18 0.84
C1 GOL I . 24.99 21.44 -5.10
O1 GOL I . 24.11 21.65 -6.20
C2 GOL I . 25.53 22.77 -4.57
O2 GOL I . 24.65 23.84 -4.92
C3 GOL I . 25.61 22.75 -3.07
O3 GOL I . 24.31 23.02 -2.53
C1 GOL J . 16.50 -5.78 -5.44
O1 GOL J . 16.20 -5.85 -4.04
C2 GOL J . 15.71 -4.63 -6.07
O2 GOL J . 15.10 -5.11 -7.27
C3 GOL J . 14.67 -4.11 -5.08
O3 GOL J . 13.68 -3.35 -5.74
C1 GOL K . -16.72 3.37 10.66
O1 GOL K . -16.44 4.27 9.58
C2 GOL K . -15.46 3.06 11.46
O2 GOL K . -14.26 3.29 10.66
C3 GOL K . -15.46 3.93 12.70
O3 GOL K . -14.28 3.66 13.41
C1 GOL L . 9.12 30.07 15.93
O1 GOL L . 10.21 30.98 16.14
C2 GOL L . 7.86 30.60 16.58
O2 GOL L . 7.12 31.38 15.63
C3 GOL L . 7.03 29.42 17.05
O3 GOL L . 5.82 29.75 17.74
MG MG M . -6.49 -2.64 -2.49
C1 CIT N . -3.82 -4.69 -8.42
O1 CIT N . -4.60 -3.65 -8.42
O2 CIT N . -3.56 -5.36 -9.45
C2 CIT N . -3.14 -5.05 -7.09
C3 CIT N . -1.64 -4.84 -7.19
O7 CIT N . -1.48 -3.51 -7.76
C4 CIT N . -0.92 -4.92 -5.84
C5 CIT N . -0.86 -3.63 -5.07
O3 CIT N . -1.92 -3.10 -4.72
O4 CIT N . 0.27 -3.11 -4.70
C6 CIT N . -1.00 -5.89 -8.14
O5 CIT N . -0.59 -5.38 -9.17
O6 CIT N . -0.72 -7.10 -7.90
C ACT O . -1.94 -16.16 -23.54
O ACT O . -1.78 -16.83 -24.59
OXT ACT O . -1.00 -15.60 -22.93
CH3 ACT O . -3.36 -16.07 -23.06
C ACT P . -22.18 -9.39 16.61
O ACT P . -21.98 -8.44 17.38
OXT ACT P . -21.94 -9.31 15.37
CH3 ACT P . -22.72 -10.65 17.20
C ACT Q . -25.24 -15.03 11.93
O ACT Q . -24.52 -14.22 12.54
OXT ACT Q . -24.92 -16.24 11.76
CH3 ACT Q . -26.57 -14.54 11.40
C1 GOL R . 2.02 -10.94 14.53
O1 GOL R . 2.69 -11.44 13.36
C2 GOL R . 0.76 -10.17 14.13
O2 GOL R . 0.69 -8.98 14.97
C3 GOL R . 0.81 -9.81 12.66
O3 GOL R . -0.07 -8.75 12.41
C1 GOL S . 4.28 -7.80 -7.06
O1 GOL S . 4.52 -8.87 -6.16
C2 GOL S . 5.64 -7.19 -7.26
O2 GOL S . 6.24 -7.26 -5.97
C3 GOL S . 6.42 -8.03 -8.27
O3 GOL S . 5.61 -8.67 -9.29
C1 GOL T . 2.37 9.07 -17.37
O1 GOL T . 0.93 9.11 -17.42
C2 GOL T . 3.01 7.67 -17.57
O2 GOL T . 2.29 6.72 -16.78
C3 GOL T . 3.10 7.30 -19.06
O3 GOL T . 3.11 5.87 -19.34
C1 GOL U . 5.79 -13.11 -19.82
O1 GOL U . 6.10 -11.95 -19.06
C2 GOL U . 6.63 -14.29 -19.33
O2 GOL U . 7.00 -15.12 -20.45
C3 GOL U . 5.88 -15.13 -18.30
O3 GOL U . 6.60 -16.34 -18.04
#